data_3EPJ
#
_entry.id   3EPJ
#
_cell.length_a   162.920
_cell.length_b   211.033
_cell.length_c   126.228
_cell.angle_alpha   90.000
_cell.angle_beta   90.000
_cell.angle_gamma   90.000
#
_symmetry.space_group_name_H-M   'C 2 2 21'
#
loop_
_entity.id
_entity.type
_entity.pdbx_description
1 polymer 'tRNA isopentenyltransferase'
2 polymer tRNA
3 non-polymer 'ZINC ION'
4 non-polymer 'MAGNESIUM ION'
5 water water
#
loop_
_entity_poly.entity_id
_entity_poly.type
_entity_poly.pdbx_seq_one_letter_code
_entity_poly.pdbx_strand_id
1 'polypeptide(L)'
;SKKVIVIAGTTGVGKSQLSIQLAQKFNGEVINSDSMQVYKDIPIITNKHPLQEREGIPHHVMNHVDWSEEYYSHRFETEC
MNAIEDIHRRGKIPIVVGGTHYYLQTLFNKRVDTKSSERKLTRKQLDILESTDPDVIYNTLVKCDPDIATKYHPNDYRRV
QRMLEIYYKTGKKPSETFNEQKITLKFDTLFLWLYSKPEPLFQRLDDRVDDMLERGALQEIKQLYEYYSQNKFTPEQCEN
GVWQVIGFKEFLPWLTGKTDDNTVKLEDCIERMKTRTRQYAKRQVKWIKKMLIPDIKGDIYLLDATDLSQWDTNASQRAI
AISNDFISNRPIKQERAPKALEELLSKGETTMKKLDDWTHYTCNVCRNADGKNVVAIGEKYWKIHLGSRRHKSNLKRNTR
QADFEKWKI
;
A,B
2 'polyribonucleotide' CUCGUAUGGCGCAGUGGUAGCGCAGCAGAUUGCAAAUCUGUUGGUCCUUAGUUCGAUCCUGAGUGCGAG E,F
#
# COMPACT_ATOMS: atom_id res chain seq x y z
N SER A 1 -3.38 -10.37 10.07
CA SER A 1 -2.93 -10.02 11.45
C SER A 1 -3.98 -9.18 12.15
N LYS A 2 -3.61 -8.53 13.26
CA LYS A 2 -4.52 -7.67 14.02
C LYS A 2 -4.96 -6.45 13.21
N LYS A 3 -6.26 -6.38 12.93
CA LYS A 3 -6.83 -5.29 12.14
C LYS A 3 -7.14 -4.02 12.94
N VAL A 4 -7.20 -2.89 12.22
CA VAL A 4 -7.53 -1.58 12.79
C VAL A 4 -8.30 -0.81 11.72
N ILE A 5 -9.40 -0.18 12.09
CA ILE A 5 -10.19 0.59 11.13
C ILE A 5 -10.16 2.07 11.47
N VAL A 6 -9.90 2.92 10.48
CA VAL A 6 -9.87 4.36 10.71
C VAL A 6 -10.90 5.08 9.86
N ILE A 7 -11.52 6.10 10.43
CA ILE A 7 -12.53 6.84 9.70
C ILE A 7 -12.13 8.31 9.60
N ALA A 8 -11.85 8.74 8.37
CA ALA A 8 -11.43 10.11 8.12
C ALA A 8 -12.51 10.86 7.39
N GLY A 9 -12.39 12.19 7.45
CA GLY A 9 -13.35 13.04 6.76
C GLY A 9 -13.59 14.32 7.53
N THR A 10 -14.41 15.21 6.97
CA THR A 10 -14.72 16.47 7.62
C THR A 10 -15.83 16.24 8.63
N THR A 11 -16.24 17.29 9.32
CA THR A 11 -17.29 17.16 10.29
C THR A 11 -18.64 17.33 9.59
N GLY A 12 -19.71 16.84 10.19
CA GLY A 12 -21.00 16.96 9.55
C GLY A 12 -21.16 16.01 8.37
N VAL A 13 -20.51 14.86 8.48
CA VAL A 13 -20.57 13.86 7.43
C VAL A 13 -20.81 12.50 8.08
N GLY A 14 -21.32 12.51 9.31
CA GLY A 14 -21.62 11.27 10.02
C GLY A 14 -20.46 10.41 10.45
N LYS A 15 -19.32 11.03 10.72
CA LYS A 15 -18.16 10.27 11.15
C LYS A 15 -18.48 9.41 12.36
N SER A 16 -19.23 9.97 13.31
CA SER A 16 -19.57 9.20 14.51
C SER A 16 -20.58 8.08 14.27
N GLN A 17 -21.77 8.44 13.79
CA GLN A 17 -22.81 7.46 13.51
C GLN A 17 -22.20 6.22 12.85
N LEU A 18 -21.24 6.42 11.96
CA LEU A 18 -20.63 5.29 11.30
C LEU A 18 -19.71 4.54 12.27
N SER A 19 -18.88 5.27 13.01
CA SER A 19 -17.97 4.63 13.95
C SER A 19 -18.72 3.68 14.87
N ILE A 20 -19.96 4.02 15.20
CA ILE A 20 -20.75 3.19 16.08
C ILE A 20 -21.23 1.92 15.38
N GLN A 21 -21.93 2.11 14.26
CA GLN A 21 -22.47 0.99 13.48
C GLN A 21 -21.42 -0.07 13.28
N LEU A 22 -20.22 0.34 12.92
CA LEU A 22 -19.14 -0.61 12.70
C LEU A 22 -18.76 -1.28 13.99
N ALA A 23 -18.81 -0.52 15.10
CA ALA A 23 -18.47 -1.04 16.42
C ALA A 23 -19.40 -2.19 16.86
N GLN A 24 -20.70 -1.98 16.67
CA GLN A 24 -21.73 -2.96 17.02
C GLN A 24 -21.64 -4.12 16.03
N LYS A 25 -21.61 -3.78 14.76
CA LYS A 25 -21.55 -4.76 13.68
C LYS A 25 -20.28 -5.61 13.64
N PHE A 26 -19.18 -5.15 14.21
CA PHE A 26 -17.94 -5.94 14.16
C PHE A 26 -17.19 -6.14 15.48
N ASN A 27 -17.87 -5.90 16.60
CA ASN A 27 -17.28 -6.08 17.93
C ASN A 27 -16.06 -5.17 18.11
N GLY A 28 -16.30 -3.87 18.20
CA GLY A 28 -15.18 -2.98 18.36
C GLY A 28 -15.41 -1.84 19.33
N GLU A 29 -14.36 -1.06 19.53
CA GLU A 29 -14.40 0.08 20.43
C GLU A 29 -13.80 1.28 19.69
N VAL A 30 -14.32 2.46 20.00
CA VAL A 30 -13.87 3.69 19.36
C VAL A 30 -12.70 4.38 20.04
N ILE A 31 -11.79 4.91 19.23
CA ILE A 31 -10.65 5.65 19.73
C ILE A 31 -10.77 7.03 19.10
N ASN A 32 -10.87 8.07 19.93
CA ASN A 32 -11.01 9.41 19.41
C ASN A 32 -9.68 10.00 19.00
N SER A 33 -9.64 10.68 17.86
CA SER A 33 -8.40 11.28 17.42
C SER A 33 -8.56 12.76 17.13
N ASP A 34 -9.37 13.43 17.93
CA ASP A 34 -9.59 14.85 17.73
C ASP A 34 -8.84 15.64 18.80
N SER A 35 -7.85 16.41 18.37
CA SER A 35 -7.03 17.18 19.29
C SER A 35 -7.81 18.06 20.26
N MET A 36 -9.09 18.27 20.01
CA MET A 36 -9.86 19.09 20.95
C MET A 36 -10.82 18.29 21.78
N GLN A 37 -11.28 17.15 21.27
CA GLN A 37 -12.22 16.34 22.03
C GLN A 37 -11.56 15.64 23.20
N VAL A 38 -10.23 15.67 23.24
CA VAL A 38 -9.52 15.02 24.33
C VAL A 38 -9.58 15.85 25.62
N TYR A 39 -10.24 17.00 25.58
CA TYR A 39 -10.35 17.84 26.75
C TYR A 39 -11.63 17.58 27.53
N LYS A 40 -11.60 17.89 28.83
CA LYS A 40 -12.74 17.68 29.70
C LYS A 40 -13.95 18.53 29.36
N ASP A 41 -15.13 17.96 29.57
CA ASP A 41 -16.39 18.66 29.32
C ASP A 41 -16.39 19.40 28.00
N ILE A 42 -16.95 20.60 28.01
CA ILE A 42 -17.06 21.46 26.83
C ILE A 42 -17.46 20.66 25.58
N PRO A 43 -18.49 19.79 25.70
CA PRO A 43 -18.96 18.96 24.59
C PRO A 43 -19.59 19.63 23.36
N ILE A 44 -20.61 20.46 23.57
CA ILE A 44 -21.30 21.12 22.46
C ILE A 44 -20.39 21.74 21.39
N ILE A 45 -19.50 22.64 21.78
CA ILE A 45 -18.60 23.31 20.81
C ILE A 45 -17.49 22.40 20.30
N THR A 46 -17.04 21.48 21.13
CA THR A 46 -15.98 20.56 20.74
C THR A 46 -16.61 19.38 20.01
N ASN A 47 -17.92 19.49 19.81
CA ASN A 47 -18.73 18.50 19.15
C ASN A 47 -18.47 17.03 19.50
N LYS A 48 -18.79 16.65 20.74
CA LYS A 48 -18.62 15.26 21.15
C LYS A 48 -19.90 14.53 20.84
N HIS A 49 -19.81 13.22 20.71
CA HIS A 49 -20.99 12.42 20.41
C HIS A 49 -21.69 12.06 21.70
N PRO A 50 -22.93 12.53 21.87
CA PRO A 50 -23.74 12.26 23.07
C PRO A 50 -23.81 10.78 23.45
N LEU A 51 -23.57 10.46 24.73
CA LEU A 51 -23.57 9.08 25.20
C LEU A 51 -24.79 8.24 24.84
N GLN A 52 -25.97 8.81 25.00
CA GLN A 52 -27.21 8.10 24.69
C GLN A 52 -27.29 7.75 23.21
N GLU A 53 -26.18 7.94 22.49
CA GLU A 53 -26.15 7.64 21.07
C GLU A 53 -24.94 6.77 20.74
N ARG A 54 -24.27 6.29 21.78
CA ARG A 54 -23.11 5.46 21.57
C ARG A 54 -23.45 3.99 21.77
N GLU A 55 -24.73 3.69 21.91
CA GLU A 55 -25.18 2.31 22.10
C GLU A 55 -24.29 1.56 23.10
N GLY A 56 -23.76 2.27 24.08
CA GLY A 56 -22.90 1.62 25.06
C GLY A 56 -21.57 1.16 24.51
N ILE A 57 -21.15 1.71 23.37
CA ILE A 57 -19.88 1.32 22.82
C ILE A 57 -18.76 2.13 23.46
N PRO A 58 -17.73 1.44 23.97
CA PRO A 58 -16.58 2.07 24.62
C PRO A 58 -15.87 3.11 23.74
N HIS A 59 -15.28 4.12 24.36
CA HIS A 59 -14.53 5.17 23.64
C HIS A 59 -13.22 5.42 24.39
N HIS A 60 -12.12 5.56 23.65
CA HIS A 60 -10.83 5.79 24.31
C HIS A 60 -10.18 7.13 23.92
N VAL A 61 -9.21 7.55 24.72
CA VAL A 61 -8.50 8.81 24.46
C VAL A 61 -9.48 9.90 24.05
N MET A 62 -10.41 10.21 24.94
CA MET A 62 -11.42 11.21 24.69
C MET A 62 -12.00 11.77 26.00
N ASN A 63 -11.97 13.09 26.15
CA ASN A 63 -12.52 13.74 27.34
C ASN A 63 -11.87 13.31 28.65
N HIS A 64 -10.62 13.70 28.83
CA HIS A 64 -9.90 13.30 30.02
C HIS A 64 -8.73 14.22 30.34
N VAL A 65 -8.42 15.11 29.40
CA VAL A 65 -7.32 16.02 29.62
C VAL A 65 -7.84 17.28 30.31
N ASP A 66 -7.13 17.71 31.35
CA ASP A 66 -7.53 18.89 32.12
C ASP A 66 -7.14 20.17 31.41
N TRP A 67 -8.06 21.13 31.38
CA TRP A 67 -7.82 22.40 30.70
C TRP A 67 -6.46 23.01 31.00
N SER A 68 -5.88 22.61 32.12
CA SER A 68 -4.57 23.11 32.52
C SER A 68 -3.42 22.45 31.76
N GLU A 69 -3.75 21.41 31.00
CA GLU A 69 -2.72 20.71 30.24
C GLU A 69 -2.67 21.08 28.76
N GLU A 70 -1.61 20.62 28.11
CA GLU A 70 -1.40 20.86 26.70
C GLU A 70 -1.20 19.52 25.98
N TYR A 71 -2.24 19.03 25.33
CA TYR A 71 -2.15 17.75 24.62
C TYR A 71 -1.26 17.92 23.39
N TYR A 72 -0.73 16.82 22.88
CA TYR A 72 0.12 16.86 21.70
C TYR A 72 0.32 15.51 21.02
N SER A 73 1.02 15.53 19.89
CA SER A 73 1.27 14.31 19.10
C SER A 73 1.74 13.10 19.91
N HIS A 74 2.97 13.11 20.41
CA HIS A 74 3.49 11.97 21.18
C HIS A 74 2.56 11.48 22.28
N ARG A 75 1.90 12.41 22.95
CA ARG A 75 0.96 12.07 24.01
C ARG A 75 -0.09 11.15 23.40
N PHE A 76 -0.63 11.55 22.25
CA PHE A 76 -1.62 10.75 21.56
C PHE A 76 -1.05 9.43 21.11
N GLU A 77 0.20 9.44 20.68
CA GLU A 77 0.81 8.21 20.22
C GLU A 77 0.86 7.13 21.29
N THR A 78 1.28 7.49 22.49
CA THR A 78 1.36 6.52 23.59
C THR A 78 -0.04 6.09 24.02
N GLU A 79 -0.97 7.05 24.12
CA GLU A 79 -2.35 6.76 24.52
C GLU A 79 -3.13 5.92 23.50
N CYS A 80 -3.05 6.33 22.24
CA CYS A 80 -3.73 5.62 21.15
C CYS A 80 -3.19 4.19 21.05
N MET A 81 -1.87 4.09 21.03
CA MET A 81 -1.21 2.81 20.94
C MET A 81 -1.62 1.89 22.08
N ASN A 82 -1.86 2.47 23.26
CA ASN A 82 -2.28 1.65 24.39
C ASN A 82 -3.66 1.09 24.15
N ALA A 83 -4.61 1.94 23.78
CA ALA A 83 -5.98 1.50 23.54
C ALA A 83 -6.02 0.39 22.48
N ILE A 84 -5.22 0.56 21.42
CA ILE A 84 -5.15 -0.43 20.34
C ILE A 84 -4.76 -1.77 20.95
N GLU A 85 -3.64 -1.78 21.67
CA GLU A 85 -3.12 -3.00 22.30
C GLU A 85 -4.21 -3.67 23.11
N ASP A 86 -4.73 -2.94 24.09
CA ASP A 86 -5.78 -3.44 24.96
C ASP A 86 -6.97 -3.98 24.17
N ILE A 87 -7.52 -3.18 23.27
CA ILE A 87 -8.65 -3.61 22.50
C ILE A 87 -8.37 -4.91 21.74
N HIS A 88 -7.14 -5.06 21.24
CA HIS A 88 -6.73 -6.25 20.51
C HIS A 88 -6.71 -7.52 21.34
N ARG A 89 -5.93 -7.52 22.43
CA ARG A 89 -5.81 -8.68 23.30
C ARG A 89 -7.17 -9.10 23.88
N ARG A 90 -8.16 -8.22 23.78
CA ARG A 90 -9.50 -8.51 24.27
C ARG A 90 -10.40 -9.00 23.15
N GLY A 91 -9.79 -9.35 22.01
CA GLY A 91 -10.53 -9.85 20.86
C GLY A 91 -11.45 -8.86 20.16
N LYS A 92 -11.19 -7.57 20.36
CA LYS A 92 -12.00 -6.55 19.74
C LYS A 92 -11.21 -5.83 18.66
N ILE A 93 -11.92 -5.07 17.85
CA ILE A 93 -11.28 -4.34 16.77
C ILE A 93 -11.43 -2.83 16.98
N PRO A 94 -10.30 -2.11 17.06
CA PRO A 94 -10.21 -0.66 17.26
C PRO A 94 -10.79 0.12 16.08
N ILE A 95 -11.49 1.21 16.38
CA ILE A 95 -12.03 2.06 15.34
C ILE A 95 -11.70 3.50 15.66
N VAL A 96 -10.54 3.96 15.18
CA VAL A 96 -10.11 5.33 15.45
C VAL A 96 -10.78 6.34 14.51
N VAL A 97 -11.49 7.27 15.13
CA VAL A 97 -12.22 8.30 14.42
C VAL A 97 -11.83 9.66 14.92
N GLY A 98 -11.54 10.58 14.02
CA GLY A 98 -11.16 11.90 14.49
C GLY A 98 -11.08 12.92 13.39
N GLY A 99 -10.86 14.17 13.78
CA GLY A 99 -10.75 15.23 12.81
C GLY A 99 -9.32 15.68 12.63
N THR A 100 -8.47 15.35 13.58
CA THR A 100 -7.07 15.72 13.52
C THR A 100 -6.33 14.61 12.80
N HIS A 101 -6.44 14.61 11.47
CA HIS A 101 -5.81 13.58 10.65
C HIS A 101 -4.30 13.57 10.78
N TYR A 102 -3.74 14.69 11.24
CA TYR A 102 -2.30 14.78 11.44
C TYR A 102 -1.85 13.71 12.43
N TYR A 103 -2.67 13.43 13.44
CA TYR A 103 -2.32 12.43 14.44
C TYR A 103 -2.24 11.01 13.88
N LEU A 104 -3.02 10.73 12.84
CA LEU A 104 -3.01 9.43 12.24
C LEU A 104 -1.60 8.98 11.87
N GLN A 105 -0.69 9.92 11.68
CA GLN A 105 0.68 9.58 11.32
C GLN A 105 1.23 8.48 12.24
N THR A 106 0.79 8.51 13.50
CA THR A 106 1.23 7.52 14.47
C THR A 106 1.02 6.06 13.99
N LEU A 107 -0.02 5.83 13.20
CA LEU A 107 -0.32 4.50 12.66
C LEU A 107 0.66 3.98 11.63
N PHE A 108 1.64 4.81 11.26
CA PHE A 108 2.66 4.39 10.33
C PHE A 108 4.04 5.01 10.60
N ASN A 109 4.50 4.91 11.85
CA ASN A 109 5.81 5.41 12.28
C ASN A 109 6.31 6.66 11.56
N LYS A 110 5.58 7.76 11.65
CA LYS A 110 5.98 8.99 10.99
C LYS A 110 6.28 10.05 12.05
N ARG A 111 7.29 9.79 12.86
CA ARG A 111 7.67 10.72 13.92
C ARG A 111 9.03 10.38 14.51
N VAL A 112 9.63 11.35 15.20
CA VAL A 112 10.93 11.16 15.81
C VAL A 112 10.78 11.10 17.32
N ASP A 113 11.57 10.23 17.95
CA ASP A 113 11.53 10.05 19.40
C ASP A 113 12.65 10.81 20.11
N THR A 114 12.29 11.86 20.83
CA THR A 114 13.27 12.67 21.57
C THR A 114 13.04 12.57 23.09
N LYS A 115 12.25 11.58 23.49
CA LYS A 115 11.93 11.33 24.90
C LYS A 115 12.97 10.39 25.48
N SER A 116 12.97 9.16 24.98
CA SER A 116 13.90 8.12 25.43
C SER A 116 15.35 8.52 25.20
N SER A 117 15.56 9.41 24.21
CA SER A 117 16.89 9.89 23.88
C SER A 117 17.20 11.15 24.69
N GLU A 118 17.46 10.98 25.98
CA GLU A 118 17.76 12.10 26.86
C GLU A 118 19.17 12.63 26.58
N ARG A 119 19.42 13.87 27.01
CA ARG A 119 20.72 14.50 26.83
C ARG A 119 20.65 15.92 27.39
N LYS A 120 21.54 16.23 28.34
CA LYS A 120 21.57 17.56 28.93
C LYS A 120 21.89 18.61 27.86
N LEU A 121 20.99 19.57 27.68
CA LEU A 121 21.21 20.62 26.69
C LEU A 121 22.25 21.61 27.17
N THR A 122 23.23 21.89 26.31
CA THR A 122 24.31 22.82 26.63
C THR A 122 23.83 24.26 26.74
N ARG A 123 24.48 25.02 27.62
CA ARG A 123 24.14 26.43 27.81
C ARG A 123 24.18 27.13 26.46
N LYS A 124 25.17 26.78 25.64
CA LYS A 124 25.32 27.38 24.31
C LYS A 124 24.17 26.96 23.39
N GLN A 125 23.83 25.68 23.40
CA GLN A 125 22.75 25.13 22.58
C GLN A 125 21.45 25.82 22.93
N LEU A 126 21.08 25.77 24.21
CA LEU A 126 19.85 26.42 24.67
C LEU A 126 19.78 27.88 24.30
N ASP A 127 20.81 28.64 24.66
CA ASP A 127 20.83 30.07 24.34
C ASP A 127 20.44 30.32 22.92
N ILE A 128 20.72 29.35 22.05
CA ILE A 128 20.36 29.52 20.66
C ILE A 128 18.92 29.10 20.41
N LEU A 129 18.49 28.02 21.05
CA LEU A 129 17.12 27.55 20.90
C LEU A 129 16.13 28.54 21.45
N GLU A 130 16.26 28.82 22.73
CA GLU A 130 15.38 29.75 23.41
C GLU A 130 15.74 31.20 23.09
N SER A 131 16.41 31.39 21.97
CA SER A 131 16.81 32.75 21.58
C SER A 131 15.62 33.56 21.09
N THR A 132 15.65 34.86 21.40
CA THR A 132 14.58 35.77 21.01
C THR A 132 14.80 36.23 19.57
N ASP A 133 16.06 36.34 19.18
CA ASP A 133 16.43 36.77 17.83
C ASP A 133 15.69 35.92 16.78
N PRO A 134 15.36 36.54 15.63
CA PRO A 134 14.66 35.83 14.56
C PRO A 134 15.35 34.62 13.94
N ASP A 135 16.02 34.89 12.82
CA ASP A 135 16.72 33.87 12.07
C ASP A 135 18.04 33.36 12.67
N VAL A 136 18.24 33.59 13.96
CA VAL A 136 19.46 33.12 14.60
C VAL A 136 19.40 31.61 14.71
N ILE A 137 18.21 31.10 15.01
CA ILE A 137 18.01 29.67 15.16
C ILE A 137 17.99 28.99 13.80
N TYR A 138 17.57 29.73 12.78
CA TYR A 138 17.53 29.15 11.45
C TYR A 138 18.92 28.97 10.88
N ASN A 139 19.72 30.04 10.88
CA ASN A 139 21.09 29.99 10.38
C ASN A 139 21.91 28.87 11.00
N THR A 140 21.58 28.53 12.24
CA THR A 140 22.27 27.48 12.97
C THR A 140 21.93 26.14 12.33
N LEU A 141 20.64 25.96 12.02
CA LEU A 141 20.13 24.74 11.40
C LEU A 141 20.77 24.56 10.03
N VAL A 142 20.85 25.65 9.28
CA VAL A 142 21.44 25.61 7.95
C VAL A 142 22.89 25.18 8.07
N LYS A 143 23.53 25.54 9.18
CA LYS A 143 24.93 25.19 9.40
C LYS A 143 25.08 23.70 9.65
N CYS A 144 24.31 23.17 10.59
CA CYS A 144 24.38 21.74 10.88
C CYS A 144 23.18 21.05 10.25
N ASP A 145 23.39 20.43 9.08
CA ASP A 145 22.33 19.73 8.34
C ASP A 145 21.46 20.70 7.53
N PRO A 146 22.04 21.27 6.46
CA PRO A 146 21.34 22.20 5.59
C PRO A 146 20.29 21.50 4.76
N ASP A 147 20.33 20.17 4.72
CA ASP A 147 19.34 19.43 3.94
C ASP A 147 17.94 19.60 4.49
N ILE A 148 17.81 19.47 5.79
CA ILE A 148 16.52 19.62 6.41
C ILE A 148 16.13 21.09 6.46
N ALA A 149 17.11 21.98 6.55
CA ALA A 149 16.83 23.41 6.62
C ALA A 149 16.28 23.97 5.32
N THR A 150 16.63 23.33 4.21
CA THR A 150 16.14 23.83 2.92
C THR A 150 14.71 23.37 2.66
N LYS A 151 14.14 22.66 3.63
CA LYS A 151 12.79 22.15 3.51
C LYS A 151 11.79 23.02 4.26
N TYR A 152 12.28 24.03 4.95
CA TYR A 152 11.43 24.94 5.70
C TYR A 152 11.71 26.38 5.34
N HIS A 153 10.77 27.27 5.68
CA HIS A 153 10.91 28.71 5.41
C HIS A 153 11.51 29.32 6.68
N PRO A 154 12.45 30.27 6.54
CA PRO A 154 13.07 30.88 7.71
C PRO A 154 12.13 31.47 8.78
N ASN A 155 10.85 31.65 8.42
CA ASN A 155 9.85 32.21 9.33
C ASN A 155 9.03 31.15 10.04
N ASP A 156 9.23 29.89 9.65
CA ASP A 156 8.50 28.76 10.24
C ASP A 156 9.17 28.42 11.57
N TYR A 157 9.21 29.41 12.46
CA TYR A 157 9.83 29.29 13.78
C TYR A 157 9.51 27.99 14.51
N ARG A 158 8.22 27.68 14.65
CA ARG A 158 7.80 26.47 15.35
C ARG A 158 8.51 25.20 14.91
N ARG A 159 8.63 25.05 13.60
CA ARG A 159 9.24 23.86 13.05
C ARG A 159 10.75 23.92 12.95
N VAL A 160 11.29 25.05 12.48
CA VAL A 160 12.75 25.18 12.41
C VAL A 160 13.34 24.88 13.76
N GLN A 161 12.66 25.37 14.79
CA GLN A 161 13.08 25.16 16.17
C GLN A 161 13.08 23.68 16.49
N ARG A 162 11.92 23.05 16.31
CA ARG A 162 11.80 21.63 16.57
C ARG A 162 12.91 20.86 15.89
N MET A 163 13.15 21.15 14.61
CA MET A 163 14.19 20.43 13.90
C MET A 163 15.52 20.46 14.62
N LEU A 164 15.97 21.65 15.00
CA LEU A 164 17.24 21.81 15.72
C LEU A 164 17.21 21.02 17.03
N GLU A 165 16.08 21.12 17.72
CA GLU A 165 15.88 20.45 18.99
C GLU A 165 16.19 18.95 18.85
N ILE A 166 15.88 18.40 17.68
CA ILE A 166 16.12 16.99 17.41
C ILE A 166 17.62 16.78 17.19
N TYR A 167 18.22 17.67 16.40
CA TYR A 167 19.64 17.58 16.12
C TYR A 167 20.45 17.54 17.39
N TYR A 168 19.96 18.24 18.41
CA TYR A 168 20.63 18.29 19.69
C TYR A 168 20.32 17.06 20.52
N LYS A 169 19.05 16.88 20.87
CA LYS A 169 18.68 15.74 21.68
C LYS A 169 19.08 14.39 21.11
N THR A 170 19.28 14.29 19.81
CA THR A 170 19.65 13.00 19.21
C THR A 170 21.05 12.99 18.62
N GLY A 171 21.69 14.15 18.58
CA GLY A 171 23.02 14.24 18.02
C GLY A 171 23.13 13.64 16.62
N LYS A 172 21.98 13.49 15.98
CA LYS A 172 21.92 12.95 14.63
C LYS A 172 21.12 13.89 13.75
N LYS A 173 21.63 14.17 12.56
CA LYS A 173 20.94 15.06 11.63
C LYS A 173 19.53 14.60 11.40
N PRO A 174 18.55 15.52 11.51
CA PRO A 174 17.15 15.13 11.29
C PRO A 174 16.93 14.64 9.85
N SER A 175 17.51 15.34 8.88
CA SER A 175 17.37 14.95 7.48
C SER A 175 17.71 13.48 7.29
N GLU A 176 18.79 13.04 7.92
CA GLU A 176 19.22 11.64 7.83
C GLU A 176 18.23 10.71 8.53
N THR A 177 17.75 11.14 9.69
CA THR A 177 16.79 10.35 10.47
C THR A 177 15.56 10.00 9.65
N PHE A 178 15.24 10.87 8.71
CA PHE A 178 14.10 10.68 7.85
C PHE A 178 14.41 9.68 6.74
N ASN A 179 15.52 9.88 6.02
CA ASN A 179 15.87 8.96 4.94
C ASN A 179 16.06 7.54 5.41
N GLU A 180 15.98 7.33 6.71
CA GLU A 180 16.13 6.01 7.27
C GLU A 180 14.80 5.47 7.77
N GLN A 181 13.82 6.35 7.91
CA GLN A 181 12.49 5.94 8.39
C GLN A 181 11.84 4.91 7.50
N LYS A 182 10.95 4.11 8.08
CA LYS A 182 10.24 3.10 7.33
C LYS A 182 8.94 3.68 6.80
N ILE A 183 8.15 4.26 7.70
CA ILE A 183 6.86 4.86 7.33
C ILE A 183 5.94 3.78 6.77
N THR A 184 6.01 2.60 7.38
CA THR A 184 5.17 1.49 6.96
C THR A 184 3.98 1.42 7.91
N LEU A 185 2.82 1.14 7.35
CA LEU A 185 1.61 1.05 8.13
C LEU A 185 1.74 -0.04 9.20
N LYS A 186 1.48 0.29 10.46
CA LYS A 186 1.55 -0.71 11.52
C LYS A 186 0.20 -1.43 11.56
N PHE A 187 0.19 -2.71 11.92
CA PHE A 187 -1.08 -3.43 11.92
C PHE A 187 -1.67 -3.40 10.51
N ASP A 188 -2.78 -4.09 10.35
CA ASP A 188 -3.47 -4.12 9.08
C ASP A 188 -4.61 -3.12 9.20
N THR A 189 -4.42 -1.95 8.59
CA THR A 189 -5.40 -0.88 8.65
C THR A 189 -6.27 -0.70 7.42
N LEU A 190 -7.50 -0.26 7.65
CA LEU A 190 -8.46 0.01 6.58
C LEU A 190 -8.87 1.47 6.73
N PHE A 191 -8.68 2.28 5.71
CA PHE A 191 -9.05 3.69 5.80
C PHE A 191 -10.34 3.97 5.09
N LEU A 192 -11.29 4.51 5.82
CA LEU A 192 -12.58 4.85 5.24
C LEU A 192 -12.68 6.36 5.28
N TRP A 193 -12.93 6.97 4.13
CA TRP A 193 -13.03 8.42 4.10
C TRP A 193 -14.45 8.85 3.75
N LEU A 194 -15.09 9.56 4.67
CA LEU A 194 -16.46 10.06 4.49
C LEU A 194 -16.33 11.47 3.91
N TYR A 195 -16.73 11.62 2.65
CA TYR A 195 -16.61 12.90 1.98
C TYR A 195 -17.94 13.47 1.52
N SER A 196 -17.98 14.80 1.37
CA SER A 196 -19.17 15.46 0.89
C SER A 196 -18.78 16.68 0.10
N LYS A 197 -19.43 16.88 -1.05
CA LYS A 197 -19.17 18.03 -1.89
C LYS A 197 -19.08 19.25 -1.00
N PRO A 198 -18.17 20.17 -1.32
CA PRO A 198 -17.98 21.38 -0.54
C PRO A 198 -19.24 22.22 -0.31
N GLU A 199 -19.93 22.57 -1.38
CA GLU A 199 -21.11 23.40 -1.23
C GLU A 199 -22.15 22.86 -0.27
N PRO A 200 -22.76 21.72 -0.59
CA PRO A 200 -23.76 21.19 0.33
C PRO A 200 -23.23 21.10 1.77
N LEU A 201 -21.97 20.72 1.92
CA LEU A 201 -21.35 20.59 3.25
C LEU A 201 -21.38 21.90 4.00
N PHE A 202 -20.91 22.95 3.34
CA PHE A 202 -20.83 24.26 3.91
C PHE A 202 -22.18 24.73 4.36
N GLN A 203 -23.21 24.45 3.57
CA GLN A 203 -24.55 24.87 3.96
C GLN A 203 -24.88 24.22 5.31
N ARG A 204 -24.72 22.90 5.37
CA ARG A 204 -24.97 22.09 6.56
C ARG A 204 -24.16 22.58 7.75
N LEU A 205 -22.87 22.80 7.52
CA LEU A 205 -21.98 23.28 8.54
C LEU A 205 -22.40 24.64 9.07
N ASP A 206 -22.95 25.49 8.20
CA ASP A 206 -23.37 26.81 8.65
C ASP A 206 -24.55 26.68 9.61
N ASP A 207 -25.56 25.91 9.21
CA ASP A 207 -26.75 25.69 10.04
C ASP A 207 -26.36 24.96 11.31
N ARG A 208 -25.47 23.99 11.17
CA ARG A 208 -25.00 23.20 12.31
C ARG A 208 -24.48 24.17 13.36
N VAL A 209 -23.96 25.31 12.92
CA VAL A 209 -23.44 26.31 13.85
C VAL A 209 -24.57 27.15 14.41
N ASP A 210 -25.52 27.53 13.55
CA ASP A 210 -26.65 28.33 13.98
C ASP A 210 -27.33 27.68 15.18
N ASP A 211 -27.92 26.52 14.97
CA ASP A 211 -28.62 25.86 16.06
C ASP A 211 -27.64 25.30 17.09
N MET A 212 -26.35 25.48 16.85
CA MET A 212 -25.38 24.99 17.80
C MET A 212 -25.26 25.99 18.93
N LEU A 213 -25.51 27.27 18.64
CA LEU A 213 -25.44 28.33 19.64
C LEU A 213 -26.80 28.48 20.30
N GLU A 214 -27.62 27.44 20.15
CA GLU A 214 -28.95 27.41 20.72
C GLU A 214 -29.04 26.26 21.70
N ARG A 215 -28.45 25.12 21.34
CA ARG A 215 -28.46 23.97 22.20
C ARG A 215 -27.66 24.21 23.49
N GLY A 216 -27.19 25.44 23.68
CA GLY A 216 -26.45 25.74 24.89
C GLY A 216 -24.94 25.83 24.74
N ALA A 217 -24.51 26.39 23.62
CA ALA A 217 -23.09 26.54 23.35
C ALA A 217 -22.56 27.75 24.11
N LEU A 218 -23.37 28.80 24.10
CA LEU A 218 -23.03 30.05 24.78
C LEU A 218 -22.60 29.78 26.21
N GLN A 219 -23.33 28.90 26.88
CA GLN A 219 -23.03 28.55 28.27
C GLN A 219 -21.63 27.97 28.40
N GLU A 220 -21.19 27.28 27.34
CA GLU A 220 -19.85 26.68 27.34
C GLU A 220 -18.82 27.76 27.04
N ILE A 221 -19.18 28.71 26.19
CA ILE A 221 -18.25 29.80 25.88
C ILE A 221 -18.01 30.62 27.15
N LYS A 222 -19.07 30.82 27.93
CA LYS A 222 -19.01 31.57 29.19
C LYS A 222 -18.12 30.83 30.18
N GLN A 223 -18.34 29.52 30.30
CA GLN A 223 -17.57 28.66 31.21
C GLN A 223 -16.10 28.73 30.91
N LEU A 224 -15.77 28.72 29.63
CA LEU A 224 -14.39 28.79 29.19
C LEU A 224 -13.83 30.17 29.52
N TYR A 225 -14.65 31.19 29.35
CA TYR A 225 -14.25 32.57 29.63
C TYR A 225 -14.02 32.73 31.12
N GLU A 226 -14.80 31.97 31.89
CA GLU A 226 -14.66 31.98 33.33
C GLU A 226 -13.23 31.55 33.63
N TYR A 227 -12.88 30.34 33.24
CA TYR A 227 -11.55 29.82 33.48
C TYR A 227 -10.50 30.72 32.82
N TYR A 228 -10.83 31.24 31.63
CA TYR A 228 -9.93 32.14 30.89
C TYR A 228 -9.60 33.32 31.77
N SER A 229 -10.64 33.95 32.30
CA SER A 229 -10.51 35.09 33.21
C SER A 229 -10.06 34.49 34.54
N GLN A 230 -9.99 35.31 35.58
CA GLN A 230 -9.57 34.80 36.87
C GLN A 230 -8.40 33.85 36.64
N ASN A 231 -7.52 34.24 35.72
CA ASN A 231 -6.34 33.44 35.41
C ASN A 231 -5.33 34.33 34.68
N LYS A 232 -5.69 35.61 34.56
CA LYS A 232 -4.85 36.60 33.89
C LYS A 232 -4.34 36.12 32.54
N PHE A 233 -5.27 35.66 31.71
CA PHE A 233 -4.94 35.16 30.39
C PHE A 233 -5.12 36.19 29.28
N THR A 234 -4.12 36.29 28.40
CA THR A 234 -4.20 37.22 27.30
C THR A 234 -4.65 36.44 26.07
N PRO A 235 -5.13 37.13 25.04
CA PRO A 235 -5.57 36.44 23.83
C PRO A 235 -4.44 35.64 23.14
N GLU A 236 -3.20 35.93 23.51
CA GLU A 236 -2.04 35.24 22.93
C GLU A 236 -2.08 33.77 23.34
N GLN A 237 -2.72 33.52 24.47
CA GLN A 237 -2.83 32.17 25.00
C GLN A 237 -3.60 31.25 24.05
N CYS A 238 -4.32 31.84 23.10
CA CYS A 238 -5.11 31.04 22.17
C CYS A 238 -4.30 30.36 21.08
N GLU A 239 -3.13 29.89 21.47
CA GLU A 239 -2.24 29.19 20.57
C GLU A 239 -1.84 27.87 21.23
N ASN A 240 -2.38 27.63 22.41
CA ASN A 240 -2.05 26.42 23.17
C ASN A 240 -3.27 25.79 23.82
N GLY A 241 -3.21 24.48 24.03
CA GLY A 241 -4.29 23.76 24.66
C GLY A 241 -5.69 24.01 24.13
N VAL A 242 -6.67 23.85 25.01
CA VAL A 242 -8.06 24.02 24.66
C VAL A 242 -8.37 25.40 24.14
N TRP A 243 -7.39 26.30 24.21
CA TRP A 243 -7.62 27.67 23.77
C TRP A 243 -7.56 27.84 22.24
N GLN A 244 -7.28 26.75 21.54
CA GLN A 244 -7.21 26.79 20.08
C GLN A 244 -8.56 26.41 19.50
N VAL A 245 -9.43 25.88 20.34
CA VAL A 245 -10.75 25.47 19.91
C VAL A 245 -11.50 26.48 19.06
N ILE A 246 -12.22 25.99 18.06
CA ILE A 246 -13.00 26.85 17.21
C ILE A 246 -14.37 27.00 17.86
N GLY A 247 -14.55 28.10 18.57
CA GLY A 247 -15.81 28.34 19.25
C GLY A 247 -15.62 29.17 20.48
N PHE A 248 -14.37 29.54 20.75
CA PHE A 248 -14.08 30.36 21.91
C PHE A 248 -13.40 31.68 21.47
N LYS A 249 -12.11 31.62 21.15
CA LYS A 249 -11.36 32.80 20.71
C LYS A 249 -12.11 33.69 19.71
N GLU A 250 -13.13 33.14 19.05
CA GLU A 250 -13.92 33.90 18.10
C GLU A 250 -14.85 34.88 18.81
N PHE A 251 -15.19 34.58 20.06
CA PHE A 251 -16.08 35.43 20.84
C PHE A 251 -15.36 36.28 21.89
N LEU A 252 -14.04 36.19 21.90
CA LEU A 252 -13.25 36.96 22.85
C LEU A 252 -13.53 38.46 22.75
N PRO A 253 -13.62 39.00 21.53
CA PRO A 253 -13.88 40.44 21.39
C PRO A 253 -15.26 40.84 21.94
N TRP A 254 -16.23 39.94 21.78
CA TRP A 254 -17.57 40.17 22.28
C TRP A 254 -17.54 40.13 23.80
N LEU A 255 -16.56 39.41 24.33
CA LEU A 255 -16.39 39.28 25.76
C LEU A 255 -15.33 40.28 26.24
N THR A 256 -14.90 41.15 25.32
CA THR A 256 -13.88 42.18 25.57
C THR A 256 -12.77 41.69 26.49
N VAL A 264 -25.31 42.62 19.85
CA VAL A 264 -25.35 43.39 18.61
C VAL A 264 -24.11 43.07 17.76
N LYS A 265 -22.95 43.03 18.41
CA LYS A 265 -21.68 42.74 17.76
C LYS A 265 -21.35 41.26 17.96
N LEU A 266 -22.24 40.56 18.68
CA LEU A 266 -22.07 39.14 18.93
C LEU A 266 -22.32 38.41 17.62
N GLU A 267 -23.33 38.88 16.88
CA GLU A 267 -23.69 38.27 15.61
C GLU A 267 -22.51 38.25 14.65
N ASP A 268 -21.49 39.04 14.96
CA ASP A 268 -20.30 39.11 14.15
C ASP A 268 -19.33 38.01 14.55
N CYS A 269 -19.26 37.71 15.84
CA CYS A 269 -18.36 36.67 16.27
C CYS A 269 -18.85 35.35 15.72
N ILE A 270 -20.15 35.27 15.50
CA ILE A 270 -20.72 34.04 14.96
C ILE A 270 -20.22 33.84 13.54
N GLU A 271 -20.41 34.84 12.68
CA GLU A 271 -19.94 34.75 11.30
C GLU A 271 -18.47 34.35 11.28
N ARG A 272 -17.68 34.96 12.14
CA ARG A 272 -16.26 34.66 12.21
C ARG A 272 -16.09 33.18 12.57
N MET A 273 -16.92 32.67 13.45
CA MET A 273 -16.83 31.27 13.81
C MET A 273 -17.19 30.41 12.61
N LYS A 274 -18.35 30.65 12.02
CA LYS A 274 -18.76 29.87 10.86
C LYS A 274 -17.64 29.78 9.84
N THR A 275 -16.90 30.89 9.68
CA THR A 275 -15.81 30.95 8.73
C THR A 275 -14.67 30.02 9.14
N ARG A 276 -14.23 30.10 10.38
CA ARG A 276 -13.17 29.21 10.84
C ARG A 276 -13.58 27.77 10.56
N THR A 277 -14.85 27.47 10.83
CA THR A 277 -15.39 26.12 10.61
C THR A 277 -15.18 25.68 9.17
N ARG A 278 -15.60 26.51 8.22
CA ARG A 278 -15.44 26.17 6.81
C ARG A 278 -13.97 25.94 6.48
N GLN A 279 -13.12 26.89 6.87
CA GLN A 279 -11.69 26.76 6.61
C GLN A 279 -11.16 25.43 7.14
N TYR A 280 -11.58 25.08 8.36
CA TYR A 280 -11.15 23.83 8.99
C TYR A 280 -11.48 22.64 8.10
N ALA A 281 -12.70 22.62 7.59
CA ALA A 281 -13.17 21.55 6.73
C ALA A 281 -12.34 21.49 5.47
N LYS A 282 -12.09 22.64 4.87
CA LYS A 282 -11.31 22.69 3.64
C LYS A 282 -9.88 22.18 3.86
N ARG A 283 -9.27 22.59 4.96
CA ARG A 283 -7.91 22.16 5.26
C ARG A 283 -7.83 20.67 5.54
N GLN A 284 -8.89 20.10 6.11
CA GLN A 284 -8.88 18.66 6.38
C GLN A 284 -8.75 17.90 5.08
N VAL A 285 -9.61 18.24 4.11
CA VAL A 285 -9.59 17.58 2.82
C VAL A 285 -8.24 17.79 2.13
N LYS A 286 -7.70 19.00 2.22
CA LYS A 286 -6.39 19.25 1.60
C LYS A 286 -5.38 18.26 2.20
N TRP A 287 -5.49 18.04 3.51
CA TRP A 287 -4.57 17.16 4.20
C TRP A 287 -4.77 15.74 3.74
N ILE A 288 -6.02 15.31 3.72
CA ILE A 288 -6.32 13.97 3.29
C ILE A 288 -5.81 13.70 1.87
N LYS A 289 -5.93 14.69 0.99
CA LYS A 289 -5.49 14.51 -0.40
C LYS A 289 -3.99 14.66 -0.65
N LYS A 290 -3.32 15.55 0.07
CA LYS A 290 -1.89 15.77 -0.15
C LYS A 290 -0.96 15.13 0.85
N MET A 291 -1.48 14.85 2.03
CA MET A 291 -0.69 14.28 3.12
C MET A 291 -0.99 12.82 3.41
N LEU A 292 -2.22 12.54 3.85
CA LEU A 292 -2.61 11.18 4.20
C LEU A 292 -2.54 10.19 3.06
N ILE A 293 -3.35 10.38 2.03
CA ILE A 293 -3.38 9.46 0.89
C ILE A 293 -1.98 9.14 0.32
N PRO A 294 -1.21 10.15 -0.10
CA PRO A 294 0.13 9.91 -0.65
C PRO A 294 0.97 9.00 0.26
N ASP A 295 0.83 9.16 1.58
CA ASP A 295 1.56 8.37 2.57
C ASP A 295 1.15 6.89 2.61
N ILE A 296 -0.16 6.62 2.51
CA ILE A 296 -0.62 5.23 2.53
C ILE A 296 -0.76 4.68 1.13
N LYS A 297 -0.06 5.30 0.19
CA LYS A 297 -0.07 4.84 -1.19
C LYS A 297 -1.46 4.72 -1.82
N GLY A 298 -2.38 5.60 -1.42
CA GLY A 298 -3.72 5.56 -1.99
C GLY A 298 -4.57 4.36 -1.65
N ASP A 299 -4.23 3.66 -0.58
CA ASP A 299 -5.03 2.51 -0.16
C ASP A 299 -6.15 3.01 0.76
N ILE A 300 -7.19 3.59 0.14
CA ILE A 300 -8.30 4.13 0.91
C ILE A 300 -9.62 3.93 0.18
N TYR A 301 -10.74 3.97 0.89
CA TYR A 301 -12.03 3.79 0.24
C TYR A 301 -12.93 4.97 0.55
N LEU A 302 -13.44 5.62 -0.51
CA LEU A 302 -14.31 6.77 -0.37
C LEU A 302 -15.74 6.36 -0.15
N LEU A 303 -16.49 7.18 0.58
CA LEU A 303 -17.91 6.96 0.87
C LEU A 303 -18.66 8.27 0.69
N ASP A 304 -19.45 8.36 -0.38
CA ASP A 304 -20.18 9.59 -0.67
C ASP A 304 -21.28 9.90 0.32
N ALA A 305 -21.11 11.01 1.03
CA ALA A 305 -22.06 11.46 2.04
C ALA A 305 -22.62 12.84 1.72
N THR A 306 -22.59 13.18 0.45
CA THR A 306 -23.08 14.48 0.04
C THR A 306 -24.57 14.61 0.27
N ASP A 307 -25.36 13.66 -0.25
CA ASP A 307 -26.81 13.70 -0.06
C ASP A 307 -27.22 12.86 1.13
N LEU A 308 -27.24 13.48 2.32
CA LEU A 308 -27.61 12.78 3.55
C LEU A 308 -28.83 11.92 3.39
N SER A 309 -29.78 12.40 2.58
CA SER A 309 -31.02 11.70 2.29
C SER A 309 -30.73 10.24 2.07
N GLN A 310 -29.65 9.95 1.36
CA GLN A 310 -29.29 8.58 1.11
C GLN A 310 -28.49 8.01 2.28
N TRP A 311 -27.18 8.26 2.28
CA TRP A 311 -26.30 7.78 3.35
C TRP A 311 -26.37 6.29 3.67
N ASP A 312 -27.54 5.83 4.11
CA ASP A 312 -27.68 4.44 4.46
C ASP A 312 -27.09 3.57 3.38
N THR A 313 -27.32 3.94 2.14
CA THR A 313 -26.81 3.17 1.01
C THR A 313 -25.35 3.49 0.67
N ASN A 314 -25.08 4.77 0.39
CA ASN A 314 -23.75 5.20 0.02
C ASN A 314 -22.72 5.15 1.13
N ALA A 315 -23.17 5.23 2.37
CA ALA A 315 -22.25 5.21 3.51
C ALA A 315 -22.36 3.95 4.36
N SER A 316 -23.48 3.81 5.06
CA SER A 316 -23.68 2.65 5.93
C SER A 316 -23.38 1.32 5.22
N GLN A 317 -24.22 0.94 4.26
CA GLN A 317 -24.04 -0.33 3.56
C GLN A 317 -22.65 -0.50 2.93
N ARG A 318 -22.29 0.45 2.08
CA ARG A 318 -20.99 0.48 1.40
C ARG A 318 -19.83 0.18 2.38
N ALA A 319 -19.82 0.89 3.51
CA ALA A 319 -18.78 0.70 4.50
C ALA A 319 -18.92 -0.62 5.21
N ILE A 320 -20.14 -1.00 5.55
CA ILE A 320 -20.34 -2.26 6.25
C ILE A 320 -19.86 -3.39 5.35
N ALA A 321 -20.05 -3.21 4.04
CA ALA A 321 -19.63 -4.20 3.04
C ALA A 321 -18.11 -4.35 2.99
N ILE A 322 -17.41 -3.24 2.75
CA ILE A 322 -15.95 -3.23 2.69
C ILE A 322 -15.40 -3.80 3.99
N SER A 323 -15.94 -3.33 5.10
CA SER A 323 -15.52 -3.77 6.43
C SER A 323 -15.72 -5.25 6.64
N ASN A 324 -16.83 -5.76 6.14
CA ASN A 324 -17.10 -7.17 6.31
C ASN A 324 -16.00 -8.01 5.66
N ASP A 325 -15.57 -7.61 4.47
CA ASP A 325 -14.52 -8.33 3.75
C ASP A 325 -13.15 -8.10 4.40
N PHE A 326 -12.93 -6.89 4.88
CA PHE A 326 -11.69 -6.53 5.55
C PHE A 326 -11.45 -7.39 6.79
N ILE A 327 -12.46 -7.41 7.66
CA ILE A 327 -12.40 -8.18 8.89
C ILE A 327 -12.19 -9.66 8.59
N SER A 328 -12.87 -10.17 7.57
CA SER A 328 -12.75 -11.58 7.21
C SER A 328 -11.42 -11.83 6.50
N ASN A 329 -10.41 -11.09 6.92
CA ASN A 329 -9.07 -11.18 6.37
C ASN A 329 -9.09 -11.61 4.91
N ARG A 330 -9.74 -10.80 4.07
CA ARG A 330 -9.87 -11.10 2.65
C ARG A 330 -9.71 -9.85 1.79
N PRO A 331 -9.46 -10.03 0.47
CA PRO A 331 -9.29 -8.88 -0.45
C PRO A 331 -10.63 -8.17 -0.68
N ILE A 332 -10.56 -6.86 -0.89
CA ILE A 332 -11.78 -6.08 -1.09
C ILE A 332 -12.18 -5.93 -2.56
N LYS A 333 -13.42 -6.29 -2.88
CA LYS A 333 -13.90 -6.21 -4.26
C LYS A 333 -14.59 -4.89 -4.55
N GLN A 334 -14.81 -4.08 -3.52
CA GLN A 334 -15.48 -2.81 -3.67
C GLN A 334 -14.71 -1.86 -4.57
N GLU A 335 -15.45 -0.96 -5.22
CA GLU A 335 -14.84 -0.05 -6.16
C GLU A 335 -13.84 0.95 -5.61
N ARG A 336 -13.84 1.16 -4.31
CA ARG A 336 -12.87 2.09 -3.72
C ARG A 336 -13.23 3.55 -3.87
N ALA A 337 -14.10 3.85 -4.82
CA ALA A 337 -14.53 5.23 -5.05
C ALA A 337 -15.70 5.28 -6.03
N PRO A 338 -16.85 5.81 -5.59
CA PRO A 338 -18.04 5.92 -6.42
C PRO A 338 -17.78 6.80 -7.63
N LYS A 339 -18.31 6.38 -8.79
CA LYS A 339 -18.13 7.10 -10.05
C LYS A 339 -18.02 8.62 -9.87
N ALA A 340 -18.91 9.18 -9.05
CA ALA A 340 -18.93 10.61 -8.80
C ALA A 340 -17.67 11.19 -8.16
N LEU A 341 -17.13 10.55 -7.13
CA LEU A 341 -15.94 11.08 -6.46
C LEU A 341 -14.61 10.53 -6.96
N GLU A 342 -14.66 9.76 -8.05
CA GLU A 342 -13.48 9.16 -8.66
C GLU A 342 -12.23 10.03 -8.74
N GLU A 343 -12.37 11.23 -9.28
CA GLU A 343 -11.23 12.13 -9.43
C GLU A 343 -10.52 12.48 -8.15
N LEU A 344 -11.20 12.31 -7.02
CA LEU A 344 -10.58 12.66 -5.75
C LEU A 344 -9.41 11.77 -5.46
N LEU A 345 -9.45 10.53 -5.93
CA LEU A 345 -8.34 9.64 -5.66
C LEU A 345 -7.30 9.65 -6.75
N SER A 346 -7.50 10.50 -7.76
CA SER A 346 -6.55 10.59 -8.88
C SER A 346 -5.23 11.23 -8.48
N LYS A 347 -4.16 10.84 -9.15
CA LYS A 347 -2.84 11.39 -8.87
C LYS A 347 -2.91 12.91 -8.97
N GLY A 348 -3.68 13.40 -9.95
CA GLY A 348 -3.82 14.82 -10.15
C GLY A 348 -4.28 15.60 -8.93
N GLU A 349 -5.25 15.05 -8.22
CA GLU A 349 -5.82 15.68 -7.03
C GLU A 349 -5.03 15.35 -5.76
N THR A 350 -4.00 14.53 -5.89
CA THR A 350 -3.19 14.13 -4.73
C THR A 350 -1.68 14.40 -4.81
N THR A 351 -0.89 13.36 -4.96
CA THR A 351 0.57 13.53 -5.00
C THR A 351 1.11 14.51 -6.04
N MET A 352 0.29 14.84 -7.02
CA MET A 352 0.69 15.77 -8.07
C MET A 352 0.87 17.17 -7.48
N LYS A 353 0.04 17.51 -6.49
CA LYS A 353 0.03 18.80 -5.85
C LYS A 353 1.17 19.03 -4.87
N LYS A 354 1.83 17.95 -4.44
CA LYS A 354 2.89 18.08 -3.47
C LYS A 354 4.10 18.85 -3.97
N LEU A 355 4.69 19.64 -3.09
CA LEU A 355 5.86 20.43 -3.45
C LEU A 355 7.04 19.47 -3.56
N ASP A 356 7.83 19.60 -4.63
CA ASP A 356 8.97 18.72 -4.82
C ASP A 356 10.23 19.44 -5.26
N ASP A 357 10.21 20.77 -5.11
CA ASP A 357 11.35 21.61 -5.47
C ASP A 357 11.60 22.54 -4.31
N TRP A 358 12.66 22.28 -3.54
CA TRP A 358 12.92 23.09 -2.37
C TRP A 358 13.97 24.17 -2.45
N THR A 359 14.51 24.44 -3.63
CA THR A 359 15.54 25.48 -3.73
C THR A 359 14.94 26.84 -3.30
N HIS A 360 15.71 27.59 -2.51
CA HIS A 360 15.25 28.89 -2.02
C HIS A 360 15.61 30.03 -2.95
N TYR A 361 14.80 31.08 -2.93
CA TYR A 361 15.05 32.24 -3.76
C TYR A 361 14.74 33.47 -2.93
N THR A 362 15.53 34.53 -3.11
CA THR A 362 15.32 35.77 -2.35
C THR A 362 15.19 36.96 -3.30
N CYS A 363 14.12 37.72 -3.13
CA CYS A 363 13.87 38.89 -3.94
C CYS A 363 14.54 40.05 -3.20
N ASN A 364 15.60 40.59 -3.78
CA ASN A 364 16.33 41.69 -3.16
C ASN A 364 15.56 43.01 -3.28
N VAL A 365 14.38 42.97 -3.87
CA VAL A 365 13.59 44.19 -4.03
C VAL A 365 12.26 44.18 -3.29
N CYS A 366 11.87 43.00 -2.82
CA CYS A 366 10.61 42.83 -2.07
C CYS A 366 10.89 42.47 -0.62
N ARG A 367 10.16 43.08 0.30
CA ARG A 367 10.35 42.77 1.71
C ARG A 367 9.04 42.92 2.46
N ASN A 368 8.83 42.06 3.45
CA ASN A 368 7.60 42.07 4.25
C ASN A 368 7.70 43.09 5.39
N ALA A 369 6.58 43.32 6.07
CA ALA A 369 6.56 44.27 7.17
C ALA A 369 7.61 43.97 8.22
N ASP A 370 7.91 42.69 8.43
CA ASP A 370 8.90 42.32 9.43
C ASP A 370 10.31 42.80 9.05
N GLY A 371 10.43 43.41 7.87
CA GLY A 371 11.73 43.91 7.45
C GLY A 371 12.54 42.97 6.57
N LYS A 372 12.41 41.67 6.81
CA LYS A 372 13.12 40.64 6.04
C LYS A 372 12.67 40.65 4.58
N ASN A 373 13.52 40.13 3.69
CA ASN A 373 13.17 40.09 2.27
C ASN A 373 12.35 38.87 1.94
N VAL A 374 11.55 38.98 0.89
CA VAL A 374 10.70 37.86 0.46
C VAL A 374 11.55 36.70 -0.06
N VAL A 375 11.31 35.50 0.47
CA VAL A 375 12.02 34.32 -0.01
C VAL A 375 10.98 33.31 -0.44
N ALA A 376 11.16 32.79 -1.65
CA ALA A 376 10.24 31.81 -2.22
C ALA A 376 10.84 30.43 -2.20
N ILE A 377 9.98 29.41 -2.16
CA ILE A 377 10.50 28.06 -2.18
C ILE A 377 9.92 27.37 -3.39
N GLY A 378 10.80 26.84 -4.23
CA GLY A 378 10.34 26.15 -5.43
C GLY A 378 10.27 27.04 -6.66
N GLU A 379 11.02 26.68 -7.69
CA GLU A 379 11.02 27.46 -8.89
C GLU A 379 9.63 27.85 -9.31
N LYS A 380 8.71 26.88 -9.28
CA LYS A 380 7.34 27.18 -9.68
C LYS A 380 6.79 28.41 -8.98
N TYR A 381 6.99 28.48 -7.67
CA TYR A 381 6.50 29.58 -6.87
C TYR A 381 7.37 30.82 -6.94
N TRP A 382 8.66 30.62 -7.22
CA TRP A 382 9.57 31.75 -7.34
C TRP A 382 9.07 32.63 -8.51
N LYS A 383 8.57 31.97 -9.54
CA LYS A 383 8.04 32.68 -10.69
C LYS A 383 6.74 33.35 -10.37
N ILE A 384 5.91 32.71 -9.55
CA ILE A 384 4.64 33.33 -9.22
C ILE A 384 4.92 34.67 -8.58
N HIS A 385 5.91 34.70 -7.68
CA HIS A 385 6.26 35.93 -7.03
C HIS A 385 6.76 36.98 -8.03
N LEU A 386 7.68 36.58 -8.91
CA LEU A 386 8.24 37.50 -9.90
C LEU A 386 7.18 38.06 -10.84
N GLY A 387 5.97 37.54 -10.76
CA GLY A 387 4.92 38.03 -11.65
C GLY A 387 3.76 38.65 -10.90
N SER A 388 3.83 38.64 -9.57
CA SER A 388 2.77 39.21 -8.76
C SER A 388 2.82 40.71 -8.83
N ARG A 389 1.67 41.34 -8.57
CA ARG A 389 1.59 42.79 -8.58
C ARG A 389 2.54 43.35 -7.53
N ARG A 390 2.68 42.64 -6.42
CA ARG A 390 3.55 43.09 -5.35
C ARG A 390 4.95 43.39 -5.88
N HIS A 391 5.56 42.38 -6.49
CA HIS A 391 6.89 42.50 -7.06
C HIS A 391 6.92 43.57 -8.12
N LYS A 392 6.01 43.46 -9.09
CA LYS A 392 5.93 44.45 -10.17
C LYS A 392 5.94 45.89 -9.63
N SER A 393 5.00 46.20 -8.74
CA SER A 393 4.90 47.53 -8.14
C SER A 393 6.24 47.98 -7.56
N ASN A 394 6.85 47.09 -6.76
CA ASN A 394 8.13 47.39 -6.15
C ASN A 394 9.23 47.57 -7.19
N LEU A 395 9.10 46.85 -8.30
CA LEU A 395 10.10 46.94 -9.35
C LEU A 395 10.00 48.28 -10.07
N LYS A 396 8.79 48.82 -10.12
CA LYS A 396 8.55 50.09 -10.79
C LYS A 396 9.07 51.26 -9.97
N ARG A 397 8.79 51.27 -8.66
CA ARG A 397 9.26 52.37 -7.81
C ARG A 397 10.79 52.35 -7.77
N ASN A 398 11.37 51.17 -7.90
CA ASN A 398 12.80 51.04 -7.90
C ASN A 398 13.37 51.68 -9.15
N THR A 399 12.87 51.28 -10.30
CA THR A 399 13.35 51.82 -11.56
C THR A 399 13.17 53.33 -11.62
N ARG A 400 11.94 53.80 -11.45
CA ARG A 400 11.65 55.24 -11.49
C ARG A 400 12.58 55.98 -10.55
N GLN A 401 12.90 55.35 -9.43
CA GLN A 401 13.78 55.95 -8.44
C GLN A 401 15.21 56.01 -9.00
N ALA A 402 15.70 54.87 -9.49
CA ALA A 402 17.05 54.83 -10.05
C ALA A 402 17.13 55.67 -11.33
N ASP A 403 15.97 55.99 -11.90
CA ASP A 403 15.96 56.80 -13.11
C ASP A 403 16.25 58.24 -12.72
N PHE A 404 16.09 58.55 -11.45
CA PHE A 404 16.38 59.89 -10.97
C PHE A 404 17.88 59.98 -10.75
N GLU A 405 18.63 58.96 -11.17
CA GLU A 405 20.07 58.97 -11.01
C GLU A 405 20.74 59.43 -12.28
N LYS A 406 20.22 58.96 -13.41
CA LYS A 406 20.80 59.34 -14.70
C LYS A 406 20.62 60.85 -14.85
N TRP A 407 19.41 61.30 -14.50
CA TRP A 407 19.01 62.71 -14.59
C TRP A 407 19.82 63.56 -13.61
N LYS A 408 20.15 62.98 -12.46
CA LYS A 408 20.92 63.68 -11.44
C LYS A 408 22.43 63.52 -11.67
N ILE A 409 22.81 63.06 -12.87
CA ILE A 409 24.21 62.87 -13.24
C ILE A 409 24.40 63.29 -14.70
N SER C 1 13.62 4.71 3.49
CA SER C 1 14.54 3.62 3.94
C SER C 1 15.22 2.98 2.72
N LYS C 2 15.79 1.79 2.90
CA LYS C 2 16.46 1.09 1.81
C LYS C 2 15.46 0.69 0.72
N LYS C 3 15.68 1.20 -0.48
CA LYS C 3 14.78 0.92 -1.61
C LYS C 3 15.09 -0.38 -2.36
N VAL C 4 14.08 -0.90 -3.06
CA VAL C 4 14.18 -2.12 -3.88
C VAL C 4 13.27 -2.02 -5.08
N ILE C 5 13.80 -2.22 -6.28
CA ILE C 5 13.00 -2.13 -7.49
C ILE C 5 12.75 -3.48 -8.13
N VAL C 6 11.49 -3.81 -8.39
CA VAL C 6 11.14 -5.08 -9.02
C VAL C 6 10.47 -4.84 -10.39
N ILE C 7 10.83 -5.67 -11.37
CA ILE C 7 10.26 -5.55 -12.70
C ILE C 7 9.50 -6.83 -13.05
N ALA C 8 8.17 -6.72 -13.18
CA ALA C 8 7.34 -7.85 -13.51
C ALA C 8 6.83 -7.73 -14.93
N GLY C 9 6.32 -8.85 -15.46
CA GLY C 9 5.78 -8.87 -16.81
C GLY C 9 6.05 -10.18 -17.50
N THR C 10 5.53 -10.33 -18.71
CA THR C 10 5.74 -11.54 -19.50
C THR C 10 7.08 -11.44 -20.19
N THR C 11 7.43 -12.48 -20.94
CA THR C 11 8.68 -12.46 -21.66
C THR C 11 8.50 -11.77 -23.02
N GLY C 12 9.58 -11.28 -23.62
CA GLY C 12 9.44 -10.62 -24.90
C GLY C 12 8.83 -9.25 -24.73
N VAL C 13 9.11 -8.64 -23.59
CA VAL C 13 8.60 -7.31 -23.29
C VAL C 13 9.73 -6.43 -22.77
N GLY C 14 10.96 -6.84 -23.05
CA GLY C 14 12.12 -6.07 -22.64
C GLY C 14 12.38 -5.98 -21.14
N LYS C 15 12.05 -7.02 -20.40
CA LYS C 15 12.28 -7.00 -18.97
C LYS C 15 13.75 -6.76 -18.65
N SER C 16 14.65 -7.42 -19.38
CA SER C 16 16.07 -7.24 -19.13
C SER C 16 16.58 -5.87 -19.54
N GLN C 17 16.48 -5.52 -20.82
CA GLN C 17 16.95 -4.22 -21.29
C GLN C 17 16.60 -3.11 -20.29
N LEU C 18 15.41 -3.20 -19.69
CA LEU C 18 15.01 -2.19 -18.72
C LEU C 18 15.80 -2.41 -17.43
N SER C 19 15.91 -3.64 -16.98
CA SER C 19 16.64 -3.91 -15.74
C SER C 19 18.05 -3.31 -15.78
N ILE C 20 18.64 -3.28 -16.96
CA ILE C 20 19.98 -2.74 -17.10
C ILE C 20 19.96 -1.22 -17.02
N GLN C 21 19.19 -0.60 -17.91
CA GLN C 21 19.08 0.85 -17.94
C GLN C 21 18.93 1.41 -16.55
N LEU C 22 18.06 0.82 -15.74
CA LEU C 22 17.86 1.30 -14.39
C LEU C 22 19.12 1.08 -13.58
N ALA C 23 19.77 -0.05 -13.80
CA ALA C 23 21.00 -0.38 -13.08
C ALA C 23 22.12 0.67 -13.29
N GLN C 24 22.32 1.07 -14.54
CA GLN C 24 23.32 2.06 -14.91
C GLN C 24 22.89 3.44 -14.45
N LYS C 25 21.62 3.74 -14.72
CA LYS C 25 21.03 5.03 -14.37
C LYS C 25 20.84 5.28 -12.86
N PHE C 26 20.84 4.24 -12.03
CA PHE C 26 20.64 4.45 -10.59
C PHE C 26 21.58 3.71 -9.66
N ASN C 27 22.70 3.23 -10.19
CA ASN C 27 23.70 2.52 -9.40
C ASN C 27 23.10 1.29 -8.73
N GLY C 28 22.76 0.27 -9.52
CA GLY C 28 22.17 -0.91 -8.93
C GLY C 28 22.72 -2.17 -9.53
N GLU C 29 22.27 -3.30 -9.00
CA GLU C 29 22.67 -4.62 -9.47
C GLU C 29 21.40 -5.47 -9.63
N VAL C 30 21.42 -6.36 -10.60
CA VAL C 30 20.28 -7.22 -10.89
C VAL C 30 20.23 -8.51 -10.08
N ILE C 31 19.02 -8.93 -9.73
CA ILE C 31 18.78 -10.17 -8.99
C ILE C 31 17.76 -10.90 -9.83
N ASN C 32 18.12 -12.08 -10.32
CA ASN C 32 17.21 -12.85 -11.15
C ASN C 32 16.16 -13.58 -10.34
N SER C 33 14.93 -13.61 -10.83
CA SER C 33 13.89 -14.32 -10.10
C SER C 33 13.16 -15.28 -11.02
N ASP C 34 13.92 -15.94 -11.90
CA ASP C 34 13.31 -16.88 -12.80
C ASP C 34 13.69 -18.29 -12.35
N SER C 35 12.68 -19.06 -11.92
CA SER C 35 12.94 -20.40 -11.45
C SER C 35 13.72 -21.28 -12.41
N MET C 36 13.84 -20.91 -13.68
CA MET C 36 14.62 -21.75 -14.57
C MET C 36 15.98 -21.15 -14.88
N GLN C 37 16.12 -19.83 -14.82
CA GLN C 37 17.40 -19.21 -15.12
C GLN C 37 18.44 -19.47 -14.05
N VAL C 38 18.00 -19.99 -12.91
CA VAL C 38 18.93 -20.27 -11.83
C VAL C 38 19.78 -21.51 -12.09
N TYR C 39 19.52 -22.18 -13.22
CA TYR C 39 20.29 -23.37 -13.56
C TYR C 39 21.50 -23.06 -14.43
N LYS C 40 22.51 -23.92 -14.31
CA LYS C 40 23.74 -23.77 -15.06
C LYS C 40 23.56 -23.84 -16.57
N ASP C 41 24.39 -23.09 -17.28
CA ASP C 41 24.35 -23.07 -18.72
C ASP C 41 22.93 -23.03 -19.30
N ILE C 42 22.71 -23.77 -20.37
CA ILE C 42 21.41 -23.86 -21.05
C ILE C 42 20.75 -22.48 -21.20
N PRO C 43 21.52 -21.46 -21.63
CA PRO C 43 21.01 -20.09 -21.80
C PRO C 43 19.95 -19.84 -22.88
N ILE C 44 20.20 -20.24 -24.12
CA ILE C 44 19.25 -20.01 -25.20
C ILE C 44 17.77 -20.33 -24.87
N ILE C 45 17.48 -21.57 -24.43
CA ILE C 45 16.10 -21.95 -24.13
C ILE C 45 15.60 -21.37 -22.82
N THR C 46 16.49 -21.20 -21.85
CA THR C 46 16.11 -20.64 -20.55
C THR C 46 16.10 -19.12 -20.67
N ASN C 47 16.34 -18.66 -21.89
CA ASN C 47 16.39 -17.25 -22.24
C ASN C 47 17.14 -16.34 -21.26
N LYS C 48 18.47 -16.50 -21.19
CA LYS C 48 19.26 -15.64 -20.32
C LYS C 48 19.70 -14.44 -21.13
N HIS C 49 20.03 -13.36 -20.43
CA HIS C 49 20.48 -12.14 -21.09
C HIS C 49 21.98 -12.23 -21.33
N PRO C 50 22.39 -12.22 -22.61
CA PRO C 50 23.81 -12.32 -23.01
C PRO C 50 24.69 -11.28 -22.29
N LEU C 51 25.82 -11.73 -21.75
CA LEU C 51 26.75 -10.84 -21.02
C LEU C 51 27.16 -9.57 -21.74
N GLN C 52 27.51 -9.67 -23.03
CA GLN C 52 27.91 -8.49 -23.80
C GLN C 52 26.77 -7.50 -23.92
N GLU C 53 25.71 -7.69 -23.15
CA GLU C 53 24.56 -6.80 -23.17
C GLU C 53 24.17 -6.38 -21.77
N ARG C 54 25.00 -6.73 -20.80
CA ARG C 54 24.72 -6.38 -19.42
C ARG C 54 25.54 -5.18 -18.99
N GLU C 55 26.20 -4.52 -19.94
CA GLU C 55 27.02 -3.36 -19.61
C GLU C 55 27.84 -3.57 -18.34
N GLY C 56 28.25 -4.81 -18.11
CA GLY C 56 29.03 -5.11 -16.92
C GLY C 56 28.28 -4.93 -15.62
N ILE C 57 26.96 -4.97 -15.68
CA ILE C 57 26.17 -4.82 -14.46
C ILE C 57 26.04 -6.17 -13.76
N PRO C 58 26.38 -6.24 -12.47
CA PRO C 58 26.31 -7.47 -11.68
C PRO C 58 24.93 -8.15 -11.72
N HIS C 59 24.91 -9.47 -11.58
CA HIS C 59 23.66 -10.21 -11.56
C HIS C 59 23.75 -11.26 -10.46
N HIS C 60 22.71 -11.40 -9.65
CA HIS C 60 22.73 -12.35 -8.55
C HIS C 60 21.70 -13.45 -8.67
N VAL C 61 21.89 -14.53 -7.91
CA VAL C 61 20.98 -15.66 -7.93
C VAL C 61 20.58 -16.03 -9.35
N MET C 62 21.58 -16.35 -10.16
CA MET C 62 21.33 -16.69 -11.55
C MET C 62 22.45 -17.55 -12.12
N ASN C 63 22.08 -18.67 -12.73
CA ASN C 63 23.07 -19.58 -13.36
C ASN C 63 24.12 -20.08 -12.39
N HIS C 64 23.71 -20.94 -11.47
CA HIS C 64 24.64 -21.44 -10.47
C HIS C 64 24.15 -22.73 -9.85
N VAL C 65 22.94 -23.12 -10.18
CA VAL C 65 22.40 -24.35 -9.63
C VAL C 65 22.75 -25.50 -10.59
N ASP C 66 23.23 -26.60 -10.02
CA ASP C 66 23.61 -27.76 -10.82
C ASP C 66 22.38 -28.58 -11.20
N TRP C 67 22.34 -29.04 -12.45
CA TRP C 67 21.20 -29.81 -12.94
C TRP C 67 20.78 -30.93 -12.01
N SER C 68 21.68 -31.35 -11.14
CA SER C 68 21.40 -32.43 -10.19
C SER C 68 20.58 -31.96 -8.99
N GLU C 69 20.42 -30.64 -8.84
CA GLU C 69 19.67 -30.07 -7.73
C GLU C 69 18.25 -29.68 -8.10
N GLU C 70 17.47 -29.38 -7.07
CA GLU C 70 16.09 -28.97 -7.22
C GLU C 70 15.85 -27.63 -6.53
N TYR C 71 15.83 -26.54 -7.31
CA TYR C 71 15.61 -25.20 -6.76
C TYR C 71 14.18 -25.08 -6.24
N TYR C 72 13.96 -24.15 -5.31
CA TYR C 72 12.62 -23.96 -4.77
C TYR C 72 12.45 -22.62 -4.02
N SER C 73 11.22 -22.35 -3.59
CA SER C 73 10.93 -21.10 -2.91
C SER C 73 11.90 -20.67 -1.83
N HIS C 74 11.91 -21.34 -0.68
CA HIS C 74 12.80 -20.97 0.42
C HIS C 74 14.24 -20.76 0.01
N ARG C 75 14.73 -21.60 -0.89
CA ARG C 75 16.09 -21.49 -1.39
C ARG C 75 16.26 -20.07 -1.95
N PHE C 76 15.31 -19.64 -2.78
CA PHE C 76 15.35 -18.31 -3.36
C PHE C 76 15.28 -17.26 -2.28
N GLU C 77 14.41 -17.46 -1.30
CA GLU C 77 14.26 -16.50 -0.22
C GLU C 77 15.55 -16.19 0.53
N THR C 78 16.33 -17.21 0.85
CA THR C 78 17.58 -16.98 1.54
C THR C 78 18.59 -16.33 0.59
N GLU C 79 18.66 -16.82 -0.64
CA GLU C 79 19.59 -16.29 -1.65
C GLU C 79 19.27 -14.86 -2.08
N CYS C 80 17.99 -14.60 -2.37
CA CYS C 80 17.56 -13.27 -2.80
C CYS C 80 17.81 -12.27 -1.68
N MET C 81 17.36 -12.62 -0.48
CA MET C 81 17.52 -11.77 0.70
C MET C 81 19.00 -11.44 0.94
N ASN C 82 19.89 -12.38 0.67
CA ASN C 82 21.31 -12.13 0.87
C ASN C 82 21.77 -11.05 -0.11
N ALA C 83 21.49 -11.25 -1.39
CA ALA C 83 21.90 -10.29 -2.42
C ALA C 83 21.41 -8.87 -2.09
N ILE C 84 20.16 -8.77 -1.62
CA ILE C 84 19.56 -7.49 -1.26
C ILE C 84 20.43 -6.84 -0.20
N GLU C 85 20.64 -7.57 0.90
CA GLU C 85 21.46 -7.10 2.02
C GLU C 85 22.78 -6.56 1.49
N ASP C 86 23.55 -7.44 0.85
CA ASP C 86 24.85 -7.09 0.30
C ASP C 86 24.78 -5.84 -0.56
N ILE C 87 23.90 -5.86 -1.54
CA ILE C 87 23.77 -4.72 -2.43
C ILE C 87 23.45 -3.43 -1.67
N HIS C 88 22.71 -3.54 -0.58
CA HIS C 88 22.36 -2.36 0.21
C HIS C 88 23.55 -1.76 0.93
N ARG C 89 24.16 -2.56 1.79
CA ARG C 89 25.32 -2.11 2.55
C ARG C 89 26.42 -1.59 1.64
N ARG C 90 26.34 -1.88 0.34
CA ARG C 90 27.35 -1.38 -0.58
C ARG C 90 26.87 -0.11 -1.27
N GLY C 91 25.82 0.50 -0.74
CA GLY C 91 25.27 1.73 -1.28
C GLY C 91 24.61 1.63 -2.65
N LYS C 92 24.24 0.42 -3.04
CA LYS C 92 23.61 0.16 -4.32
C LYS C 92 22.15 -0.19 -4.15
N ILE C 93 21.43 -0.15 -5.27
CA ILE C 93 20.02 -0.46 -5.24
C ILE C 93 19.68 -1.72 -6.05
N PRO C 94 19.09 -2.73 -5.38
CA PRO C 94 18.69 -4.01 -5.98
C PRO C 94 17.58 -3.85 -7.01
N ILE C 95 17.69 -4.63 -8.09
CA ILE C 95 16.68 -4.62 -9.15
C ILE C 95 16.34 -6.06 -9.48
N VAL C 96 15.37 -6.63 -8.75
CA VAL C 96 14.98 -8.02 -8.98
C VAL C 96 14.04 -8.17 -10.18
N VAL C 97 14.52 -8.91 -11.18
CA VAL C 97 13.79 -9.14 -12.42
C VAL C 97 13.59 -10.62 -12.71
N GLY C 98 12.35 -11.02 -12.95
CA GLY C 98 12.12 -12.44 -13.22
C GLY C 98 10.75 -12.75 -13.79
N GLY C 99 10.58 -14.02 -14.14
CA GLY C 99 9.31 -14.45 -14.69
C GLY C 99 8.51 -15.24 -13.68
N THR C 100 9.18 -15.72 -12.66
CA THR C 100 8.50 -16.49 -11.63
C THR C 100 7.99 -15.55 -10.55
N HIS C 101 6.91 -14.85 -10.84
CA HIS C 101 6.33 -13.88 -9.91
C HIS C 101 5.93 -14.48 -8.58
N TYR C 102 5.71 -15.78 -8.57
CA TYR C 102 5.34 -16.46 -7.34
C TYR C 102 6.44 -16.25 -6.28
N TYR C 103 7.69 -16.24 -6.73
CA TYR C 103 8.80 -16.04 -5.81
C TYR C 103 8.76 -14.67 -5.12
N LEU C 104 8.27 -13.67 -5.82
CA LEU C 104 8.23 -12.31 -5.26
C LEU C 104 7.59 -12.27 -3.89
N GLN C 105 6.78 -13.27 -3.56
CA GLN C 105 6.13 -13.31 -2.26
C GLN C 105 7.13 -13.08 -1.13
N THR C 106 8.36 -13.52 -1.36
CA THR C 106 9.39 -13.37 -0.36
C THR C 106 9.52 -11.91 0.06
N LEU C 107 9.31 -10.98 -0.86
CA LEU C 107 9.41 -9.54 -0.56
C LEU C 107 8.36 -8.98 0.41
N PHE C 108 7.43 -9.83 0.82
CA PHE C 108 6.41 -9.40 1.77
C PHE C 108 5.94 -10.54 2.67
N ASN C 109 6.90 -11.18 3.32
CA ASN C 109 6.65 -12.28 4.26
C ASN C 109 5.41 -13.12 4.01
N LYS C 110 5.35 -13.77 2.86
CA LYS C 110 4.20 -14.61 2.51
C LYS C 110 4.66 -16.05 2.42
N ARG C 111 5.09 -16.62 3.54
CA ARG C 111 5.54 -18.00 3.56
C ARG C 111 5.72 -18.49 4.98
N VAL C 112 5.74 -19.81 5.16
CA VAL C 112 5.90 -20.41 6.47
C VAL C 112 7.28 -21.02 6.60
N ASP C 113 7.85 -20.92 7.80
CA ASP C 113 9.19 -21.44 8.06
C ASP C 113 9.18 -22.81 8.77
N THR C 114 9.52 -23.87 8.03
CA THR C 114 9.56 -25.21 8.58
C THR C 114 10.98 -25.76 8.66
N LYS C 115 11.96 -24.87 8.53
CA LYS C 115 13.37 -25.25 8.60
C LYS C 115 13.86 -25.15 10.05
N SER C 116 13.87 -23.93 10.56
CA SER C 116 14.31 -23.65 11.93
C SER C 116 13.45 -24.40 12.95
N SER C 117 12.22 -24.70 12.56
CA SER C 117 11.29 -25.41 13.43
C SER C 117 11.43 -26.91 13.23
N GLU C 118 12.51 -27.49 13.74
CA GLU C 118 12.75 -28.92 13.61
C GLU C 118 11.84 -29.73 14.54
N ARG C 119 11.66 -31.00 14.22
CA ARG C 119 10.82 -31.90 15.01
C ARG C 119 10.82 -33.28 14.38
N LYS C 120 11.23 -34.29 15.14
CA LYS C 120 11.23 -35.65 14.61
C LYS C 120 9.82 -36.07 14.22
N LEU C 121 9.64 -36.45 12.96
CA LEU C 121 8.34 -36.88 12.49
C LEU C 121 8.04 -38.29 13.00
N THR C 122 6.88 -38.46 13.61
CA THR C 122 6.44 -39.75 14.15
C THR C 122 6.16 -40.80 13.06
N ARG C 123 6.41 -42.06 13.39
CA ARG C 123 6.17 -43.19 12.48
C ARG C 123 4.75 -43.05 11.95
N LYS C 124 3.83 -42.72 12.86
CA LYS C 124 2.42 -42.57 12.52
C LYS C 124 2.17 -41.42 11.57
N GLN C 125 2.80 -40.28 11.86
CA GLN C 125 2.65 -39.08 11.05
C GLN C 125 3.17 -39.34 9.64
N LEU C 126 4.40 -39.81 9.54
CA LEU C 126 5.02 -40.09 8.26
C LEU C 126 4.17 -41.07 7.44
N ASP C 127 3.84 -42.21 8.03
CA ASP C 127 3.04 -43.21 7.33
C ASP C 127 1.82 -42.59 6.65
N ILE C 128 1.33 -41.49 7.22
CA ILE C 128 0.18 -40.82 6.65
C ILE C 128 0.65 -39.87 5.55
N LEU C 129 1.74 -39.16 5.80
CA LEU C 129 2.27 -38.23 4.80
C LEU C 129 2.73 -38.96 3.54
N GLU C 130 3.70 -39.83 3.71
CA GLU C 130 4.25 -40.58 2.59
C GLU C 130 3.32 -41.71 2.20
N SER C 131 2.04 -41.58 2.49
CA SER C 131 1.09 -42.64 2.15
C SER C 131 0.79 -42.63 0.65
N THR C 132 0.56 -43.82 0.10
CA THR C 132 0.25 -43.97 -1.31
C THR C 132 -1.24 -43.75 -1.56
N ASP C 133 -2.07 -44.04 -0.54
CA ASP C 133 -3.51 -43.87 -0.66
C ASP C 133 -3.85 -42.43 -1.06
N PRO C 134 -4.95 -42.26 -1.82
CA PRO C 134 -5.37 -40.94 -2.27
C PRO C 134 -5.72 -39.93 -1.17
N ASP C 135 -7.01 -39.84 -0.88
CA ASP C 135 -7.56 -38.92 0.11
C ASP C 135 -7.32 -39.27 1.58
N VAL C 136 -6.35 -40.14 1.85
CA VAL C 136 -6.06 -40.51 3.22
C VAL C 136 -5.38 -39.33 3.89
N ILE C 137 -4.52 -38.65 3.14
CA ILE C 137 -3.79 -37.51 3.69
C ILE C 137 -4.69 -36.29 3.81
N TYR C 138 -5.71 -36.22 2.95
CA TYR C 138 -6.64 -35.10 2.98
C TYR C 138 -7.55 -35.20 4.20
N ASN C 139 -8.17 -36.37 4.39
CA ASN C 139 -9.09 -36.59 5.51
C ASN C 139 -8.42 -36.30 6.85
N THR C 140 -7.11 -36.48 6.88
CA THR C 140 -6.34 -36.23 8.10
C THR C 140 -6.31 -34.72 8.33
N LEU C 141 -6.03 -33.97 7.26
CA LEU C 141 -5.97 -32.52 7.33
C LEU C 141 -7.34 -31.97 7.75
N VAL C 142 -8.40 -32.53 7.18
CA VAL C 142 -9.75 -32.07 7.51
C VAL C 142 -10.00 -32.28 8.99
N LYS C 143 -9.36 -33.30 9.55
CA LYS C 143 -9.51 -33.64 10.97
C LYS C 143 -8.84 -32.63 11.87
N CYS C 144 -7.57 -32.34 11.61
CA CYS C 144 -6.86 -31.34 12.41
C CYS C 144 -6.74 -30.08 11.57
N ASP C 145 -7.58 -29.09 11.87
CA ASP C 145 -7.61 -27.81 11.15
C ASP C 145 -8.37 -27.90 9.83
N PRO C 146 -9.70 -28.05 9.91
CA PRO C 146 -10.53 -28.14 8.71
C PRO C 146 -10.64 -26.80 8.01
N ASP C 147 -10.22 -25.74 8.69
CA ASP C 147 -10.30 -24.42 8.08
C ASP C 147 -9.41 -24.34 6.87
N ILE C 148 -8.18 -24.79 7.01
CA ILE C 148 -7.26 -24.74 5.89
C ILE C 148 -7.60 -25.79 4.84
N ALA C 149 -8.19 -26.90 5.28
CA ALA C 149 -8.54 -27.97 4.36
C ALA C 149 -9.67 -27.58 3.41
N THR C 150 -10.54 -26.70 3.88
CA THR C 150 -11.65 -26.30 3.04
C THR C 150 -11.21 -25.30 1.98
N LYS C 151 -9.91 -24.99 1.99
CA LYS C 151 -9.34 -24.04 1.03
C LYS C 151 -8.63 -24.73 -0.13
N TYR C 152 -8.59 -26.06 -0.09
CA TYR C 152 -7.96 -26.84 -1.15
C TYR C 152 -8.87 -27.95 -1.66
N HIS C 153 -8.58 -28.43 -2.86
CA HIS C 153 -9.37 -29.51 -3.44
C HIS C 153 -8.73 -30.82 -3.00
N PRO C 154 -9.52 -31.85 -2.69
CA PRO C 154 -8.96 -33.14 -2.25
C PRO C 154 -7.92 -33.76 -3.17
N ASN C 155 -7.89 -33.33 -4.43
CA ASN C 155 -6.94 -33.86 -5.41
C ASN C 155 -5.65 -33.04 -5.47
N ASP C 156 -5.63 -31.88 -4.82
CA ASP C 156 -4.46 -31.01 -4.82
C ASP C 156 -3.41 -31.62 -3.89
N TYR C 157 -3.01 -32.85 -4.21
CA TYR C 157 -2.04 -33.59 -3.43
C TYR C 157 -0.83 -32.77 -2.98
N ARG C 158 -0.12 -32.17 -3.93
CA ARG C 158 1.07 -31.37 -3.62
C ARG C 158 0.94 -30.41 -2.46
N ARG C 159 -0.18 -29.69 -2.45
CA ARG C 159 -0.46 -28.68 -1.43
C ARG C 159 -1.09 -29.22 -0.16
N VAL C 160 -2.09 -30.10 -0.30
CA VAL C 160 -2.74 -30.67 0.87
C VAL C 160 -1.66 -31.26 1.74
N GLN C 161 -0.74 -31.94 1.09
CA GLN C 161 0.38 -32.57 1.77
C GLN C 161 1.17 -31.53 2.50
N ARG C 162 1.65 -30.54 1.75
CA ARG C 162 2.43 -29.45 2.33
C ARG C 162 1.78 -28.91 3.57
N MET C 163 0.48 -28.62 3.48
CA MET C 163 -0.24 -28.07 4.62
C MET C 163 -0.08 -28.93 5.88
N LEU C 164 -0.36 -30.23 5.74
CA LEU C 164 -0.22 -31.14 6.88
C LEU C 164 1.21 -31.13 7.40
N GLU C 165 2.17 -31.15 6.48
CA GLU C 165 3.58 -31.13 6.82
C GLU C 165 3.89 -29.99 7.76
N ILE C 166 3.18 -28.88 7.59
CA ILE C 166 3.36 -27.71 8.43
C ILE C 166 2.73 -27.97 9.81
N TYR C 167 1.51 -28.50 9.80
CA TYR C 167 0.81 -28.81 11.04
C TYR C 167 1.64 -29.68 11.94
N TYR C 168 2.44 -30.56 11.33
CA TYR C 168 3.30 -31.47 12.08
C TYR C 168 4.58 -30.77 12.53
N LYS C 169 5.37 -30.29 11.56
CA LYS C 169 6.63 -29.63 11.88
C LYS C 169 6.51 -28.41 12.77
N THR C 170 5.34 -27.78 12.84
CA THR C 170 5.18 -26.60 13.69
C THR C 170 4.17 -26.81 14.79
N GLY C 171 3.53 -27.98 14.80
CA GLY C 171 2.55 -28.28 15.83
C GLY C 171 1.51 -27.19 16.00
N LYS C 172 1.39 -26.34 14.98
CA LYS C 172 0.44 -25.24 14.98
C LYS C 172 -0.41 -25.29 13.71
N LYS C 173 -1.72 -25.10 13.86
CA LYS C 173 -2.62 -25.14 12.70
C LYS C 173 -2.15 -24.16 11.63
N PRO C 174 -2.07 -24.61 10.37
CA PRO C 174 -1.63 -23.69 9.32
C PRO C 174 -2.63 -22.56 9.11
N SER C 175 -3.93 -22.86 9.18
CA SER C 175 -4.94 -21.83 9.00
C SER C 175 -4.69 -20.66 9.96
N GLU C 176 -4.36 -20.99 11.20
CA GLU C 176 -4.08 -19.98 12.23
C GLU C 176 -2.79 -19.20 11.92
N THR C 177 -1.75 -19.92 11.48
CA THR C 177 -0.46 -19.31 11.14
C THR C 177 -0.64 -18.21 10.11
N PHE C 178 -1.67 -18.35 9.29
CA PHE C 178 -1.96 -17.37 8.26
C PHE C 178 -2.68 -16.16 8.83
N ASN C 179 -3.74 -16.37 9.62
CA ASN C 179 -4.47 -15.24 10.20
C ASN C 179 -3.60 -14.38 11.09
N GLU C 180 -2.38 -14.83 11.34
CA GLU C 180 -1.44 -14.11 12.17
C GLU C 180 -0.34 -13.46 11.36
N GLN C 181 -0.24 -13.82 10.09
CA GLN C 181 0.79 -13.26 9.22
C GLN C 181 0.61 -11.77 9.00
N LYS C 182 1.72 -11.10 8.73
CA LYS C 182 1.72 -9.67 8.48
C LYS C 182 1.49 -9.39 6.98
N ILE C 183 2.32 -10.02 6.15
CA ILE C 183 2.24 -9.85 4.70
C ILE C 183 2.46 -8.38 4.34
N THR C 184 3.38 -7.75 5.05
CA THR C 184 3.68 -6.36 4.77
C THR C 184 4.95 -6.33 3.95
N LEU C 185 5.00 -5.43 2.98
CA LEU C 185 6.14 -5.30 2.12
C LEU C 185 7.40 -4.97 2.93
N LYS C 186 8.47 -5.74 2.71
CA LYS C 186 9.72 -5.47 3.42
C LYS C 186 10.44 -4.41 2.61
N PHE C 187 11.26 -3.60 3.25
CA PHE C 187 11.93 -2.54 2.50
C PHE C 187 10.90 -1.70 1.73
N ASP C 188 11.38 -0.64 1.09
CA ASP C 188 10.53 0.23 0.30
C ASP C 188 10.65 -0.20 -1.15
N THR C 189 9.64 -0.91 -1.61
CA THR C 189 9.64 -1.46 -2.95
C THR C 189 8.81 -0.74 -4.00
N LEU C 190 9.30 -0.76 -5.23
CA LEU C 190 8.63 -0.13 -6.36
C LEU C 190 8.39 -1.21 -7.40
N PHE C 191 7.13 -1.46 -7.74
CA PHE C 191 6.81 -2.47 -8.73
C PHE C 191 6.55 -1.88 -10.10
N LEU C 192 7.33 -2.33 -11.07
CA LEU C 192 7.17 -1.89 -12.43
C LEU C 192 6.71 -3.09 -13.24
N TRP C 193 5.57 -2.96 -13.91
CA TRP C 193 5.04 -4.04 -14.71
C TRP C 193 5.07 -3.70 -16.19
N LEU C 194 5.86 -4.46 -16.94
CA LEU C 194 5.98 -4.26 -18.38
C LEU C 194 4.93 -5.14 -19.04
N TYR C 195 3.92 -4.52 -19.65
CA TYR C 195 2.82 -5.27 -20.27
C TYR C 195 2.67 -5.01 -21.75
N SER C 196 2.06 -5.98 -22.43
CA SER C 196 1.82 -5.86 -23.86
C SER C 196 0.56 -6.62 -24.25
N LYS C 197 -0.28 -6.00 -25.08
CA LYS C 197 -1.51 -6.63 -25.53
C LYS C 197 -1.18 -8.07 -25.90
N PRO C 198 -2.09 -8.99 -25.60
CA PRO C 198 -1.92 -10.41 -25.88
C PRO C 198 -1.61 -10.75 -27.33
N GLU C 199 -2.41 -10.26 -28.25
CA GLU C 199 -2.19 -10.57 -29.65
C GLU C 199 -0.79 -10.19 -30.13
N PRO C 200 -0.45 -8.90 -30.16
CA PRO C 200 0.89 -8.55 -30.62
C PRO C 200 1.98 -9.36 -29.93
N LEU C 201 1.83 -9.59 -28.62
CA LEU C 201 2.83 -10.35 -27.86
C LEU C 201 3.00 -11.76 -28.40
N PHE C 202 1.87 -12.43 -28.60
CA PHE C 202 1.85 -13.78 -29.07
C PHE C 202 2.53 -13.92 -30.39
N GLN C 203 2.33 -12.92 -31.26
CA GLN C 203 2.98 -12.98 -32.56
C GLN C 203 4.49 -13.02 -32.33
N ARG C 204 4.97 -12.02 -31.59
CA ARG C 204 6.38 -11.84 -31.24
C ARG C 204 6.95 -13.08 -30.56
N LEU C 205 6.21 -13.60 -29.60
CA LEU C 205 6.63 -14.79 -28.89
C LEU C 205 6.73 -15.98 -29.85
N ASP C 206 5.87 -16.02 -30.86
CA ASP C 206 5.93 -17.13 -31.78
C ASP C 206 7.21 -17.05 -32.59
N ASP C 207 7.50 -15.87 -33.14
CA ASP C 207 8.71 -15.68 -33.94
C ASP C 207 9.94 -15.86 -33.06
N ARG C 208 9.86 -15.37 -31.83
CA ARG C 208 10.94 -15.48 -30.88
C ARG C 208 11.33 -16.94 -30.74
N VAL C 209 10.37 -17.84 -30.91
CA VAL C 209 10.63 -19.27 -30.81
C VAL C 209 11.20 -19.79 -32.12
N ASP C 210 10.65 -19.33 -33.24
CA ASP C 210 11.13 -19.76 -34.54
C ASP C 210 12.64 -19.59 -34.66
N ASP C 211 13.09 -18.34 -34.65
CA ASP C 211 14.51 -18.09 -34.77
C ASP C 211 15.26 -18.49 -33.50
N MET C 212 14.55 -19.00 -32.51
CA MET C 212 15.21 -19.41 -31.29
C MET C 212 15.81 -20.79 -31.47
N LEU C 213 15.18 -21.58 -32.36
CA LEU C 213 15.63 -22.94 -32.67
C LEU C 213 16.61 -22.88 -33.82
N GLU C 214 17.14 -21.69 -34.05
CA GLU C 214 18.10 -21.44 -35.10
C GLU C 214 19.39 -20.97 -34.48
N ARG C 215 19.28 -20.10 -33.49
CA ARG C 215 20.47 -19.57 -32.81
C ARG C 215 21.20 -20.67 -32.06
N GLY C 216 20.78 -21.92 -32.21
CA GLY C 216 21.47 -23.01 -31.53
C GLY C 216 20.78 -23.55 -30.31
N ALA C 217 19.46 -23.60 -30.36
CA ALA C 217 18.67 -24.10 -29.25
C ALA C 217 18.70 -25.62 -29.25
N LEU C 218 18.59 -26.20 -30.44
CA LEU C 218 18.60 -27.64 -30.62
C LEU C 218 19.79 -28.27 -29.91
N GLN C 219 20.95 -27.62 -30.03
CA GLN C 219 22.17 -28.11 -29.39
C GLN C 219 22.01 -28.22 -27.89
N GLU C 220 21.21 -27.30 -27.32
CA GLU C 220 20.96 -27.29 -25.88
C GLU C 220 19.97 -28.41 -25.54
N ILE C 221 19.01 -28.64 -26.45
CA ILE C 221 18.03 -29.68 -26.22
C ILE C 221 18.76 -31.03 -26.22
N LYS C 222 19.72 -31.17 -27.14
CA LYS C 222 20.52 -32.39 -27.25
C LYS C 222 21.31 -32.58 -25.96
N GLN C 223 21.97 -31.51 -25.52
CA GLN C 223 22.77 -31.53 -24.30
C GLN C 223 21.97 -31.97 -23.09
N LEU C 224 20.74 -31.47 -23.00
CA LEU C 224 19.86 -31.83 -21.89
C LEU C 224 19.46 -33.29 -22.00
N TYR C 225 19.24 -33.74 -23.23
CA TYR C 225 18.85 -35.13 -23.50
C TYR C 225 20.02 -36.03 -23.15
N GLU C 226 21.22 -35.53 -23.36
CA GLU C 226 22.41 -36.27 -23.03
C GLU C 226 22.33 -36.58 -21.54
N TYR C 227 22.31 -35.53 -20.72
CA TYR C 227 22.23 -35.69 -19.27
C TYR C 227 20.98 -36.48 -18.91
N TYR C 228 19.88 -36.24 -19.64
CA TYR C 228 18.61 -36.93 -19.40
C TYR C 228 18.85 -38.43 -19.55
N SER C 229 19.46 -38.80 -20.67
CA SER C 229 19.79 -40.18 -20.96
C SER C 229 20.99 -40.48 -20.10
N GLN C 230 21.56 -41.68 -20.24
CA GLN C 230 22.72 -42.03 -19.44
C GLN C 230 22.46 -41.61 -17.99
N ASN C 231 21.22 -41.79 -17.54
CA ASN C 231 20.83 -41.45 -16.18
C ASN C 231 19.52 -42.15 -15.85
N LYS C 232 19.07 -42.99 -16.78
CA LYS C 232 17.84 -43.78 -16.66
C LYS C 232 16.66 -42.93 -16.18
N PHE C 233 16.44 -41.82 -16.88
CA PHE C 233 15.35 -40.90 -16.55
C PHE C 233 14.10 -41.13 -17.37
N THR C 234 12.95 -41.16 -16.69
CA THR C 234 11.68 -41.35 -17.37
C THR C 234 11.04 -39.97 -17.56
N PRO C 235 10.05 -39.87 -18.45
CA PRO C 235 9.39 -38.57 -18.68
C PRO C 235 8.71 -38.01 -17.43
N GLU C 236 8.49 -38.87 -16.45
CA GLU C 236 7.85 -38.47 -15.20
C GLU C 236 8.73 -37.45 -14.48
N GLN C 237 10.03 -37.56 -14.73
CA GLN C 237 11.01 -36.68 -14.11
C GLN C 237 10.77 -35.23 -14.50
N CYS C 238 10.02 -35.01 -15.56
CA CYS C 238 9.75 -33.65 -16.01
C CYS C 238 8.78 -32.88 -15.12
N GLU C 239 8.91 -33.09 -13.82
CA GLU C 239 8.08 -32.43 -12.83
C GLU C 239 8.97 -31.85 -11.73
N ASN C 240 10.28 -31.99 -11.91
CA ASN C 240 11.24 -31.50 -10.93
C ASN C 240 12.45 -30.86 -11.60
N GLY C 241 13.07 -29.92 -10.90
CA GLY C 241 14.25 -29.23 -11.40
C GLY C 241 14.20 -28.70 -12.82
N VAL C 242 15.36 -28.63 -13.45
CA VAL C 242 15.49 -28.10 -14.82
C VAL C 242 14.66 -28.88 -15.83
N TRP C 243 14.05 -29.97 -15.39
CA TRP C 243 13.26 -30.78 -16.30
C TRP C 243 11.85 -30.21 -16.55
N GLN C 244 11.54 -29.10 -15.88
CA GLN C 244 10.23 -28.49 -16.05
C GLN C 244 10.31 -27.45 -17.15
N VAL C 245 11.52 -27.07 -17.51
CA VAL C 245 11.75 -26.06 -18.54
C VAL C 245 10.91 -26.19 -19.79
N ILE C 246 10.46 -25.06 -20.31
CA ILE C 246 9.68 -25.05 -21.53
C ILE C 246 10.69 -24.99 -22.66
N GLY C 247 10.95 -26.14 -23.27
CA GLY C 247 11.92 -26.20 -24.35
C GLY C 247 12.64 -27.54 -24.40
N PHE C 248 12.28 -28.43 -23.49
CA PHE C 248 12.87 -29.75 -23.45
C PHE C 248 11.80 -30.82 -23.56
N LYS C 249 11.10 -31.09 -22.45
CA LYS C 249 10.04 -32.11 -22.43
C LYS C 249 9.10 -32.05 -23.64
N GLU C 250 9.12 -30.96 -24.38
CA GLU C 250 8.27 -30.81 -25.57
C GLU C 250 8.84 -31.57 -26.75
N PHE C 251 10.13 -31.85 -26.71
CA PHE C 251 10.78 -32.57 -27.81
C PHE C 251 11.12 -34.00 -27.41
N LEU C 252 10.73 -34.39 -26.21
CA LEU C 252 11.02 -35.74 -25.74
C LEU C 252 10.50 -36.79 -26.72
N PRO C 253 9.28 -36.60 -27.26
CA PRO C 253 8.73 -37.58 -28.20
C PRO C 253 9.54 -37.66 -29.49
N TRP C 254 10.09 -36.53 -29.91
CA TRP C 254 10.91 -36.49 -31.12
C TRP C 254 12.20 -37.22 -30.84
N LEU C 255 12.61 -37.23 -29.59
CA LEU C 255 13.84 -37.90 -29.17
C LEU C 255 13.51 -39.31 -28.66
N THR C 256 12.25 -39.71 -28.82
CA THR C 256 11.76 -41.01 -28.38
C THR C 256 12.40 -41.41 -27.06
N VAL C 264 10.63 -34.41 -39.40
CA VAL C 264 9.26 -34.47 -39.95
C VAL C 264 8.20 -34.27 -38.84
N LYS C 265 8.38 -34.97 -37.72
CA LYS C 265 7.47 -34.90 -36.57
C LYS C 265 8.08 -33.93 -35.55
N LEU C 266 9.25 -33.41 -35.88
CA LEU C 266 9.94 -32.45 -35.02
C LEU C 266 9.16 -31.15 -35.09
N GLU C 267 8.69 -30.83 -36.29
CA GLU C 267 7.92 -29.61 -36.50
C GLU C 267 6.69 -29.55 -35.60
N ASP C 268 6.33 -30.69 -35.03
CA ASP C 268 5.18 -30.79 -34.14
C ASP C 268 5.58 -30.45 -32.72
N CYS C 269 6.80 -30.81 -32.35
CA CYS C 269 7.24 -30.51 -31.00
C CYS C 269 7.45 -29.02 -30.87
N ILE C 270 7.69 -28.38 -31.99
CA ILE C 270 7.88 -26.95 -31.97
C ILE C 270 6.55 -26.29 -31.65
N GLU C 271 5.51 -26.60 -32.44
CA GLU C 271 4.18 -26.03 -32.20
C GLU C 271 3.78 -26.24 -30.75
N ARG C 272 4.06 -27.43 -30.22
CA ARG C 272 3.71 -27.73 -28.84
C ARG C 272 4.48 -26.78 -27.92
N MET C 273 5.73 -26.47 -28.29
CA MET C 273 6.51 -25.55 -27.48
C MET C 273 5.90 -24.17 -27.59
N LYS C 274 5.71 -23.68 -28.80
CA LYS C 274 5.12 -22.37 -28.95
C LYS C 274 3.87 -22.22 -28.08
N THR C 275 3.08 -23.28 -28.01
CA THR C 275 1.85 -23.26 -27.22
C THR C 275 2.14 -23.13 -25.72
N ARG C 276 3.04 -23.93 -25.20
CA ARG C 276 3.39 -23.84 -23.79
C ARG C 276 3.81 -22.40 -23.50
N THR C 277 4.62 -21.81 -24.39
CA THR C 277 5.09 -20.44 -24.23
C THR C 277 3.94 -19.46 -24.05
N ARG C 278 2.96 -19.50 -24.96
CA ARG C 278 1.81 -18.62 -24.87
C ARG C 278 1.08 -18.81 -23.56
N GLN C 279 0.82 -20.06 -23.21
CA GLN C 279 0.13 -20.36 -21.97
C GLN C 279 0.88 -19.77 -20.78
N TYR C 280 2.20 -19.90 -20.77
CA TYR C 280 3.04 -19.37 -19.70
C TYR C 280 2.81 -17.87 -19.54
N ALA C 281 2.82 -17.17 -20.68
CA ALA C 281 2.61 -15.73 -20.70
C ALA C 281 1.26 -15.38 -20.15
N LYS C 282 0.24 -16.13 -20.57
CA LYS C 282 -1.12 -15.88 -20.11
C LYS C 282 -1.27 -16.09 -18.61
N ARG C 283 -0.65 -17.14 -18.08
CA ARG C 283 -0.72 -17.42 -16.66
C ARG C 283 -0.01 -16.36 -15.84
N GLN C 284 1.11 -15.85 -16.36
CA GLN C 284 1.85 -14.81 -15.65
C GLN C 284 0.99 -13.59 -15.38
N VAL C 285 0.30 -13.13 -16.43
CA VAL C 285 -0.56 -11.97 -16.32
C VAL C 285 -1.68 -12.30 -15.33
N LYS C 286 -2.26 -13.49 -15.46
CA LYS C 286 -3.31 -13.87 -14.54
C LYS C 286 -2.81 -13.76 -13.10
N TRP C 287 -1.58 -14.21 -12.87
CA TRP C 287 -0.98 -14.16 -11.52
C TRP C 287 -0.80 -12.70 -11.09
N ILE C 288 -0.26 -11.88 -11.98
CA ILE C 288 -0.03 -10.49 -11.67
C ILE C 288 -1.33 -9.79 -11.28
N LYS C 289 -2.41 -10.12 -11.98
CA LYS C 289 -3.69 -9.47 -11.71
C LYS C 289 -4.47 -10.02 -10.52
N LYS C 290 -4.42 -11.33 -10.30
CA LYS C 290 -5.16 -11.93 -9.19
C LYS C 290 -4.37 -12.25 -7.92
N MET C 291 -3.05 -12.37 -8.05
CA MET C 291 -2.20 -12.70 -6.91
C MET C 291 -1.32 -11.54 -6.44
N LEU C 292 -0.42 -11.10 -7.31
CA LEU C 292 0.52 -10.03 -6.97
C LEU C 292 -0.13 -8.71 -6.60
N ILE C 293 -0.82 -8.09 -7.56
CA ILE C 293 -1.45 -6.79 -7.29
C ILE C 293 -2.31 -6.76 -6.03
N PRO C 294 -3.30 -7.65 -5.90
CA PRO C 294 -4.17 -7.70 -4.73
C PRO C 294 -3.35 -7.69 -3.43
N ASP C 295 -2.23 -8.42 -3.45
CA ASP C 295 -1.33 -8.50 -2.29
C ASP C 295 -0.67 -7.16 -1.95
N ILE C 296 -0.12 -6.47 -2.96
CA ILE C 296 0.52 -5.20 -2.68
C ILE C 296 -0.47 -4.05 -2.73
N LYS C 297 -1.74 -4.36 -2.58
CA LYS C 297 -2.77 -3.33 -2.56
C LYS C 297 -2.78 -2.44 -3.79
N GLY C 298 -2.40 -3.00 -4.93
CA GLY C 298 -2.40 -2.24 -6.16
C GLY C 298 -1.41 -1.12 -6.27
N ASP C 299 -0.32 -1.16 -5.51
CA ASP C 299 0.69 -0.11 -5.59
C ASP C 299 1.69 -0.54 -6.66
N ILE C 300 1.32 -0.34 -7.92
CA ILE C 300 2.19 -0.75 -9.01
C ILE C 300 2.06 0.22 -10.18
N TYR C 301 3.06 0.26 -11.05
CA TYR C 301 3.00 1.17 -12.18
C TYR C 301 3.18 0.41 -13.50
N LEU C 302 2.20 0.56 -14.39
CA LEU C 302 2.21 -0.11 -15.68
C LEU C 302 3.04 0.65 -16.69
N LEU C 303 3.67 -0.09 -17.61
CA LEU C 303 4.49 0.46 -18.70
C LEU C 303 4.08 -0.22 -20.00
N ASP C 304 3.42 0.50 -20.90
CA ASP C 304 2.96 -0.08 -22.16
C ASP C 304 4.09 -0.45 -23.10
N ALA C 305 4.22 -1.75 -23.35
CA ALA C 305 5.26 -2.24 -24.25
C ALA C 305 4.70 -2.99 -25.44
N THR C 306 3.45 -2.68 -25.78
CA THR C 306 2.81 -3.33 -26.90
C THR C 306 3.53 -3.01 -28.21
N ASP C 307 3.64 -1.74 -28.54
CA ASP C 307 4.32 -1.31 -29.77
C ASP C 307 5.81 -1.04 -29.56
N LEU C 308 6.63 -2.09 -29.68
CA LEU C 308 8.07 -2.00 -29.50
C LEU C 308 8.64 -0.77 -30.17
N SER C 309 8.07 -0.46 -31.34
CA SER C 309 8.48 0.68 -32.13
C SER C 309 8.75 1.87 -31.22
N GLN C 310 7.89 2.05 -30.23
CA GLN C 310 8.02 3.15 -29.30
C GLN C 310 8.96 2.78 -28.16
N TRP C 311 8.43 2.09 -27.16
CA TRP C 311 9.22 1.65 -26.00
C TRP C 311 10.07 2.70 -25.29
N ASP C 312 11.06 3.24 -25.98
CA ASP C 312 11.92 4.24 -25.37
C ASP C 312 11.08 5.29 -24.63
N THR C 313 9.95 5.66 -25.21
CA THR C 313 9.07 6.64 -24.60
C THR C 313 8.13 6.00 -23.58
N ASN C 314 7.36 5.02 -24.00
CA ASN C 314 6.42 4.37 -23.11
C ASN C 314 7.01 3.53 -22.00
N ALA C 315 8.24 3.03 -22.19
CA ALA C 315 8.87 2.19 -21.17
C ALA C 315 10.11 2.82 -20.56
N SER C 316 11.14 2.99 -21.36
CA SER C 316 12.39 3.57 -20.89
C SER C 316 12.18 4.86 -20.09
N GLN C 317 11.79 5.93 -20.78
CA GLN C 317 11.57 7.22 -20.13
C GLN C 317 10.61 7.12 -18.94
N ARG C 318 9.39 6.67 -19.22
CA ARG C 318 8.35 6.50 -18.22
C ARG C 318 8.93 5.86 -16.96
N ALA C 319 9.64 4.75 -17.11
CA ALA C 319 10.21 4.07 -15.94
C ALA C 319 11.35 4.85 -15.30
N ILE C 320 12.23 5.39 -16.12
CA ILE C 320 13.34 6.13 -15.56
C ILE C 320 12.77 7.31 -14.76
N ALA C 321 11.64 7.85 -15.22
CA ALA C 321 10.96 8.96 -14.54
C ALA C 321 10.46 8.56 -13.15
N ILE C 322 9.60 7.55 -13.12
CA ILE C 322 9.04 7.03 -11.87
C ILE C 322 10.16 6.65 -10.93
N SER C 323 11.14 5.95 -11.47
CA SER C 323 12.29 5.51 -10.67
C SER C 323 13.08 6.69 -10.10
N ASN C 324 13.24 7.74 -10.90
CA ASN C 324 13.99 8.90 -10.45
C ASN C 324 13.34 9.48 -9.20
N ASP C 325 12.01 9.56 -9.20
CA ASP C 325 11.30 10.10 -8.06
C ASP C 325 11.33 9.10 -6.90
N PHE C 326 11.19 7.82 -7.22
CA PHE C 326 11.22 6.79 -6.21
C PHE C 326 12.51 6.85 -5.41
N ILE C 327 13.63 6.72 -6.12
CA ILE C 327 14.94 6.74 -5.50
C ILE C 327 15.14 7.99 -4.65
N SER C 328 14.71 9.15 -5.16
CA SER C 328 14.86 10.40 -4.43
C SER C 328 13.88 10.48 -3.27
N ASN C 329 13.59 9.32 -2.70
CA ASN C 329 12.68 9.19 -1.57
C ASN C 329 11.59 10.25 -1.60
N ARG C 330 10.80 10.23 -2.66
CA ARG C 330 9.72 11.20 -2.84
C ARG C 330 8.46 10.55 -3.42
N PRO C 331 7.30 11.24 -3.31
CA PRO C 331 6.04 10.71 -3.86
C PRO C 331 6.06 10.71 -5.39
N ILE C 332 5.39 9.75 -6.02
CA ILE C 332 5.37 9.66 -7.47
C ILE C 332 4.20 10.41 -8.11
N LYS C 333 4.49 11.28 -9.07
CA LYS C 333 3.42 12.03 -9.73
C LYS C 333 2.90 11.37 -10.99
N GLN C 334 3.59 10.30 -11.41
CA GLN C 334 3.23 9.56 -12.63
C GLN C 334 1.84 8.95 -12.57
N GLU C 335 1.20 8.84 -13.73
CA GLU C 335 -0.15 8.36 -13.75
C GLU C 335 -0.39 6.94 -13.26
N ARG C 336 0.65 6.13 -13.15
CA ARG C 336 0.47 4.76 -12.65
C ARG C 336 -0.03 3.73 -13.69
N ALA C 337 -0.65 4.23 -14.76
CA ALA C 337 -1.16 3.40 -15.85
C ALA C 337 -1.64 4.30 -16.99
N PRO C 338 -1.07 4.13 -18.19
CA PRO C 338 -1.40 4.89 -19.41
C PRO C 338 -2.86 4.67 -19.82
N LYS C 339 -3.54 5.73 -20.23
CA LYS C 339 -4.95 5.66 -20.63
C LYS C 339 -5.40 4.31 -21.21
N ALA C 340 -4.60 3.75 -22.13
CA ALA C 340 -4.92 2.47 -22.76
C ALA C 340 -5.03 1.29 -21.81
N LEU C 341 -4.05 1.10 -20.94
CA LEU C 341 -4.07 -0.05 -20.03
C LEU C 341 -4.76 0.19 -18.70
N GLU C 342 -5.42 1.33 -18.55
CA GLU C 342 -6.12 1.68 -17.32
C GLU C 342 -6.93 0.56 -16.65
N GLU C 343 -7.79 -0.10 -17.43
CA GLU C 343 -8.62 -1.17 -16.90
C GLU C 343 -7.89 -2.33 -16.27
N LEU C 344 -6.62 -2.48 -16.61
CA LEU C 344 -5.84 -3.59 -16.07
C LEU C 344 -5.67 -3.45 -14.58
N LEU C 345 -5.66 -2.23 -14.08
CA LEU C 345 -5.49 -2.01 -12.66
C LEU C 345 -6.82 -1.89 -11.92
N SER C 346 -7.91 -1.99 -12.66
CA SER C 346 -9.23 -1.88 -12.05
C SER C 346 -9.56 -3.06 -11.14
N LYS C 347 -10.39 -2.84 -10.13
CA LYS C 347 -10.78 -3.90 -9.21
C LYS C 347 -11.43 -5.02 -10.02
N GLY C 348 -12.13 -4.62 -11.08
CA GLY C 348 -12.77 -5.60 -11.93
C GLY C 348 -11.84 -6.63 -12.49
N GLU C 349 -10.70 -6.19 -13.02
CA GLU C 349 -9.70 -7.10 -13.58
C GLU C 349 -8.77 -7.74 -12.55
N THR C 350 -8.93 -7.40 -11.27
CA THR C 350 -8.08 -7.90 -10.21
C THR C 350 -8.76 -8.62 -9.06
N THR C 351 -8.76 -8.01 -7.88
CA THR C 351 -9.38 -8.62 -6.69
C THR C 351 -10.82 -9.10 -6.84
N MET C 352 -11.49 -8.64 -7.89
CA MET C 352 -12.87 -9.02 -8.16
C MET C 352 -12.97 -10.49 -8.58
N LYS C 353 -11.95 -10.95 -9.30
CA LYS C 353 -11.88 -12.31 -9.82
C LYS C 353 -11.52 -13.36 -8.78
N LYS C 354 -10.91 -12.94 -7.67
CA LYS C 354 -10.51 -13.88 -6.63
C LYS C 354 -11.65 -14.69 -6.02
N LEU C 355 -11.39 -15.97 -5.78
CA LEU C 355 -12.40 -16.83 -5.19
C LEU C 355 -12.56 -16.44 -3.72
N ASP C 356 -13.79 -16.30 -3.26
CA ASP C 356 -14.03 -15.91 -1.87
C ASP C 356 -15.08 -16.77 -1.16
N ASP C 357 -15.44 -17.87 -1.80
CA ASP C 357 -16.44 -18.80 -1.26
C ASP C 357 -15.83 -20.19 -1.33
N TRP C 358 -15.45 -20.73 -0.18
CA TRP C 358 -14.81 -22.03 -0.17
C TRP C 358 -15.65 -23.25 0.22
N THR C 359 -16.96 -23.09 0.40
CA THR C 359 -17.79 -24.24 0.76
C THR C 359 -17.69 -25.28 -0.34
N HIS C 360 -17.55 -26.54 0.05
CA HIS C 360 -17.43 -27.65 -0.91
C HIS C 360 -18.78 -28.24 -1.28
N TYR C 361 -18.86 -28.85 -2.44
CA TYR C 361 -20.09 -29.47 -2.87
C TYR C 361 -19.74 -30.74 -3.59
N THR C 362 -20.56 -31.77 -3.45
CA THR C 362 -20.26 -33.01 -4.13
C THR C 362 -21.44 -33.48 -4.96
N CYS C 363 -21.17 -33.79 -6.21
CA CYS C 363 -22.18 -34.28 -7.11
C CYS C 363 -22.16 -35.79 -6.95
N ASN C 364 -23.28 -36.35 -6.46
CA ASN C 364 -23.41 -37.79 -6.25
C ASN C 364 -23.78 -38.51 -7.54
N VAL C 365 -23.82 -37.78 -8.65
CA VAL C 365 -24.15 -38.39 -9.92
C VAL C 365 -23.00 -38.29 -10.92
N CYS C 366 -22.07 -37.38 -10.66
CA CYS C 366 -20.91 -37.18 -11.53
C CYS C 366 -19.63 -37.70 -10.87
N ARG C 367 -18.79 -38.34 -11.66
CA ARG C 367 -17.51 -38.83 -11.15
C ARG C 367 -16.46 -38.84 -12.25
N ASN C 368 -15.22 -38.54 -11.87
CA ASN C 368 -14.12 -38.51 -12.82
C ASN C 368 -13.55 -39.90 -13.05
N ALA C 369 -12.64 -40.00 -14.01
CA ALA C 369 -12.02 -41.27 -14.35
C ALA C 369 -11.32 -41.91 -13.17
N ASP C 370 -10.85 -41.10 -12.22
CA ASP C 370 -10.15 -41.64 -11.06
C ASP C 370 -11.12 -42.32 -10.09
N GLY C 371 -12.40 -42.34 -10.45
CA GLY C 371 -13.38 -42.98 -9.58
C GLY C 371 -14.10 -42.07 -8.61
N LYS C 372 -13.39 -41.10 -8.05
CA LYS C 372 -13.95 -40.14 -7.10
C LYS C 372 -15.08 -39.32 -7.71
N ASN C 373 -15.94 -38.77 -6.86
CA ASN C 373 -17.04 -37.95 -7.35
C ASN C 373 -16.61 -36.50 -7.54
N VAL C 374 -17.26 -35.82 -8.46
CA VAL C 374 -16.95 -34.43 -8.73
C VAL C 374 -17.30 -33.55 -7.55
N VAL C 375 -16.31 -32.79 -7.07
CA VAL C 375 -16.55 -31.85 -5.98
C VAL C 375 -16.20 -30.45 -6.48
N ALA C 376 -17.11 -29.50 -6.27
CA ALA C 376 -16.91 -28.13 -6.70
C ALA C 376 -16.61 -27.26 -5.48
N ILE C 377 -15.93 -26.13 -5.70
CA ILE C 377 -15.61 -25.22 -4.61
C ILE C 377 -16.24 -23.88 -4.93
N GLY C 378 -17.08 -23.38 -4.02
CA GLY C 378 -17.73 -22.10 -4.23
C GLY C 378 -19.08 -22.22 -4.94
N GLU C 379 -20.12 -21.72 -4.29
CA GLU C 379 -21.45 -21.78 -4.87
C GLU C 379 -21.50 -21.36 -6.33
N LYS C 380 -20.78 -20.29 -6.68
CA LYS C 380 -20.78 -19.81 -8.05
C LYS C 380 -20.39 -20.92 -9.03
N TYR C 381 -19.36 -21.68 -8.67
CA TYR C 381 -18.89 -22.76 -9.52
C TYR C 381 -19.70 -24.04 -9.36
N TRP C 382 -20.29 -24.22 -8.19
CA TRP C 382 -21.12 -25.40 -7.95
C TRP C 382 -22.29 -25.39 -8.94
N LYS C 383 -22.75 -24.18 -9.28
CA LYS C 383 -23.85 -24.02 -10.21
C LYS C 383 -23.37 -24.22 -11.64
N ILE C 384 -22.12 -23.84 -11.91
CA ILE C 384 -21.61 -24.00 -13.26
C ILE C 384 -21.65 -25.47 -13.59
N HIS C 385 -21.21 -26.27 -12.64
CA HIS C 385 -21.21 -27.70 -12.82
C HIS C 385 -22.60 -28.24 -13.02
N LEU C 386 -23.51 -27.85 -12.12
CA LEU C 386 -24.91 -28.32 -12.20
C LEU C 386 -25.57 -27.93 -13.51
N GLY C 387 -24.90 -27.12 -14.34
CA GLY C 387 -25.47 -26.71 -15.60
C GLY C 387 -24.65 -27.10 -16.80
N SER C 388 -23.53 -27.78 -16.54
CA SER C 388 -22.65 -28.22 -17.61
C SER C 388 -23.26 -29.42 -18.30
N ARG C 389 -22.88 -29.62 -19.56
CA ARG C 389 -23.38 -30.77 -20.31
C ARG C 389 -23.01 -32.06 -19.61
N ARG C 390 -21.84 -32.07 -19.00
CA ARG C 390 -21.37 -33.25 -18.30
C ARG C 390 -22.44 -33.74 -17.32
N HIS C 391 -22.81 -32.87 -16.39
CA HIS C 391 -23.82 -33.19 -15.38
C HIS C 391 -25.17 -33.51 -16.05
N LYS C 392 -25.64 -32.64 -16.93
CA LYS C 392 -26.90 -32.89 -17.62
C LYS C 392 -26.97 -34.30 -18.22
N SER C 393 -25.97 -34.66 -19.02
CA SER C 393 -25.93 -35.97 -19.64
C SER C 393 -26.04 -37.07 -18.60
N ASN C 394 -25.20 -37.01 -17.58
CA ASN C 394 -25.23 -38.00 -16.52
C ASN C 394 -26.58 -38.03 -15.84
N LEU C 395 -27.24 -36.87 -15.78
CA LEU C 395 -28.52 -36.77 -15.11
C LEU C 395 -29.61 -37.42 -15.95
N LYS C 396 -29.41 -37.44 -17.25
CA LYS C 396 -30.38 -38.05 -18.14
C LYS C 396 -30.28 -39.57 -18.13
N ARG C 397 -29.06 -40.10 -18.21
CA ARG C 397 -28.88 -41.56 -18.20
C ARG C 397 -29.38 -42.10 -16.87
N ASN C 398 -29.26 -41.30 -15.83
CA ASN C 398 -29.71 -41.71 -14.51
C ASN C 398 -31.21 -41.80 -14.47
N THR C 399 -31.88 -40.78 -14.99
CA THR C 399 -33.33 -40.77 -14.99
C THR C 399 -33.86 -41.90 -15.85
N ARG C 400 -33.49 -41.89 -17.11
CA ARG C 400 -33.93 -42.93 -18.02
C ARG C 400 -33.76 -44.32 -17.41
N GLN C 401 -32.63 -44.52 -16.73
CA GLN C 401 -32.31 -45.79 -16.09
C GLN C 401 -33.31 -46.09 -14.97
N ALA C 402 -33.50 -45.12 -14.08
CA ALA C 402 -34.43 -45.29 -12.96
C ALA C 402 -35.85 -45.37 -13.49
N ASP C 403 -36.04 -44.97 -14.74
CA ASP C 403 -37.35 -44.99 -15.37
C ASP C 403 -37.77 -46.36 -15.88
N PHE C 404 -36.83 -47.07 -16.50
CA PHE C 404 -37.12 -48.41 -17.04
C PHE C 404 -38.04 -49.20 -16.12
N GLU C 405 -37.71 -49.25 -14.83
CA GLU C 405 -38.52 -49.96 -13.87
C GLU C 405 -39.89 -49.31 -13.75
N LYS C 406 -39.92 -47.98 -13.74
CA LYS C 406 -41.19 -47.27 -13.64
C LYS C 406 -42.15 -47.81 -14.71
N TRP C 407 -41.61 -48.19 -15.86
CA TRP C 407 -42.42 -48.74 -16.95
C TRP C 407 -42.78 -50.20 -16.71
N LYS C 408 -41.77 -51.00 -16.39
CA LYS C 408 -41.93 -52.42 -16.12
C LYS C 408 -43.05 -52.66 -15.10
N ILE C 409 -43.02 -51.90 -14.01
CA ILE C 409 -44.03 -51.99 -12.94
C ILE C 409 -45.38 -51.48 -13.46
#